data_4O5Z
# 
_entry.id   4O5Z 
# 
_audit_conform.dict_name       mmcif_pdbx.dic 
_audit_conform.dict_version    5.388 
_audit_conform.dict_location   http://mmcif.pdb.org/dictionaries/ascii/mmcif_pdbx.dic 
# 
loop_
_database_2.database_id 
_database_2.database_code 
_database_2.pdbx_database_accession 
_database_2.pdbx_DOI 
PDB   4O5Z         pdb_00004o5z 10.2210/pdb4o5z/pdb 
NDB   NA2872       ?            ?                   
RCSB  RCSB084084   ?            ?                   
WWPDB D_1000084084 ?            ?                   
# 
loop_
_pdbx_audit_revision_history.ordinal 
_pdbx_audit_revision_history.data_content_type 
_pdbx_audit_revision_history.major_revision 
_pdbx_audit_revision_history.minor_revision 
_pdbx_audit_revision_history.revision_date 
1 'Structure model' 1 0 2014-07-02 
2 'Structure model' 1 1 2017-11-22 
3 'Structure model' 1 2 2024-03-20 
# 
_pdbx_audit_revision_details.ordinal             1 
_pdbx_audit_revision_details.revision_ordinal    1 
_pdbx_audit_revision_details.data_content_type   'Structure model' 
_pdbx_audit_revision_details.provider            repository 
_pdbx_audit_revision_details.type                'Initial release' 
_pdbx_audit_revision_details.description         ? 
_pdbx_audit_revision_details.details             ? 
# 
loop_
_pdbx_audit_revision_group.ordinal 
_pdbx_audit_revision_group.revision_ordinal 
_pdbx_audit_revision_group.data_content_type 
_pdbx_audit_revision_group.group 
1 2 'Structure model' 'Refinement description' 
2 3 'Structure model' 'Data collection'        
3 3 'Structure model' 'Database references'    
4 3 'Structure model' 'Derived calculations'   
# 
loop_
_pdbx_audit_revision_category.ordinal 
_pdbx_audit_revision_category.revision_ordinal 
_pdbx_audit_revision_category.data_content_type 
_pdbx_audit_revision_category.category 
1 2 'Structure model' software               
2 3 'Structure model' chem_comp_atom         
3 3 'Structure model' chem_comp_bond         
4 3 'Structure model' database_2             
5 3 'Structure model' pdbx_struct_conn_angle 
6 3 'Structure model' struct_conn            
7 3 'Structure model' struct_site            
# 
loop_
_pdbx_audit_revision_item.ordinal 
_pdbx_audit_revision_item.revision_ordinal 
_pdbx_audit_revision_item.data_content_type 
_pdbx_audit_revision_item.item 
1  2 'Structure model' '_software.name'                              
2  3 'Structure model' '_database_2.pdbx_DOI'                        
3  3 'Structure model' '_database_2.pdbx_database_accession'         
4  3 'Structure model' '_pdbx_struct_conn_angle.ptnr1_auth_asym_id'  
5  3 'Structure model' '_pdbx_struct_conn_angle.ptnr1_auth_comp_id'  
6  3 'Structure model' '_pdbx_struct_conn_angle.ptnr1_auth_seq_id'   
7  3 'Structure model' '_pdbx_struct_conn_angle.ptnr1_label_asym_id' 
8  3 'Structure model' '_pdbx_struct_conn_angle.ptnr1_label_atom_id' 
9  3 'Structure model' '_pdbx_struct_conn_angle.ptnr1_label_comp_id' 
10 3 'Structure model' '_pdbx_struct_conn_angle.ptnr1_label_seq_id'  
11 3 'Structure model' '_pdbx_struct_conn_angle.ptnr2_auth_asym_id'  
12 3 'Structure model' '_pdbx_struct_conn_angle.ptnr2_auth_comp_id'  
13 3 'Structure model' '_pdbx_struct_conn_angle.ptnr2_label_asym_id' 
14 3 'Structure model' '_pdbx_struct_conn_angle.ptnr2_label_atom_id' 
15 3 'Structure model' '_pdbx_struct_conn_angle.ptnr2_label_comp_id' 
16 3 'Structure model' '_pdbx_struct_conn_angle.ptnr3_auth_asym_id'  
17 3 'Structure model' '_pdbx_struct_conn_angle.ptnr3_auth_comp_id'  
18 3 'Structure model' '_pdbx_struct_conn_angle.ptnr3_auth_seq_id'   
19 3 'Structure model' '_pdbx_struct_conn_angle.ptnr3_label_asym_id' 
20 3 'Structure model' '_pdbx_struct_conn_angle.ptnr3_label_atom_id' 
21 3 'Structure model' '_pdbx_struct_conn_angle.ptnr3_label_comp_id' 
22 3 'Structure model' '_pdbx_struct_conn_angle.ptnr3_label_seq_id'  
23 3 'Structure model' '_pdbx_struct_conn_angle.value'               
24 3 'Structure model' '_struct_conn.pdbx_dist_value'                
25 3 'Structure model' '_struct_conn.pdbx_leaving_atom_flag'         
26 3 'Structure model' '_struct_conn.ptnr1_auth_asym_id'             
27 3 'Structure model' '_struct_conn.ptnr1_auth_comp_id'             
28 3 'Structure model' '_struct_conn.ptnr1_auth_seq_id'              
29 3 'Structure model' '_struct_conn.ptnr1_label_asym_id'            
30 3 'Structure model' '_struct_conn.ptnr1_label_atom_id'            
31 3 'Structure model' '_struct_conn.ptnr1_label_comp_id'            
32 3 'Structure model' '_struct_conn.ptnr1_label_seq_id'             
33 3 'Structure model' '_struct_conn.ptnr2_auth_asym_id'             
34 3 'Structure model' '_struct_conn.ptnr2_auth_comp_id'             
35 3 'Structure model' '_struct_conn.ptnr2_auth_seq_id'              
36 3 'Structure model' '_struct_conn.ptnr2_label_asym_id'            
37 3 'Structure model' '_struct_conn.ptnr2_label_atom_id'            
38 3 'Structure model' '_struct_conn.ptnr2_label_comp_id'            
39 3 'Structure model' '_struct_site.pdbx_auth_asym_id'              
40 3 'Structure model' '_struct_site.pdbx_auth_comp_id'              
41 3 'Structure model' '_struct_site.pdbx_auth_seq_id'               
# 
_pdbx_database_status.entry_id                        4O5Z 
_pdbx_database_status.status_code                     REL 
_pdbx_database_status.methods_development_category    ? 
_pdbx_database_status.deposit_site                    RCSB 
_pdbx_database_status.process_site                    PDBJ 
_pdbx_database_status.recvd_initial_deposition_date   2013-12-20 
_pdbx_database_status.status_code_sf                  REL 
_pdbx_database_status.status_code_mr                  ? 
_pdbx_database_status.SG_entry                        ? 
_pdbx_database_status.status_code_cs                  ? 
_pdbx_database_status.pdb_format_compatible           Y 
_pdbx_database_status.status_code_nmr_data            ? 
# 
loop_
_pdbx_database_related.db_name 
_pdbx_database_related.db_id 
_pdbx_database_related.details 
_pdbx_database_related.content_type 
PDB 4IJ0 . unspecified 
PDB 4ITD . unspecified 
PDB 4O5W . unspecified 
PDB 4O5X . unspecified 
PDB 4O5Y . unspecified 
# 
loop_
_audit_author.name 
_audit_author.pdbx_ordinal 
'Zhang, F.'        1 
'Tsunoda, M.'      2 
'Suzuki, K.'       3 
'Kikuchi, Y.'      4 
'Wilkinson, O.'    5 
'Millington, C.L.' 6 
'Margison, G.P.'   7 
'Williams, D.M.'   8 
'Takenaka, A.'     9 
# 
_citation.id                        primary 
_citation.title                     
'O(6)-Carboxymethylguanine in DNA forms a sequence context-dependent wobble base-pair structure with thymine' 
_citation.journal_abbrev            'Acta Crystallogr.,Sect.D' 
_citation.journal_volume            70 
_citation.page_first                1669 
_citation.page_last                 1679 
_citation.year                      2014 
_citation.journal_id_ASTM           ABCRE6 
_citation.country                   DK 
_citation.journal_id_ISSN           0907-4449 
_citation.journal_id_CSD            0766 
_citation.book_publisher            ? 
_citation.pdbx_database_id_PubMed   24914978 
_citation.pdbx_database_id_DOI      10.1107/S1399004714006178 
# 
loop_
_citation_author.citation_id 
_citation_author.name 
_citation_author.ordinal 
_citation_author.identifier_ORCID 
primary 'Zhang, F.'        1 ? 
primary 'Tsunoda, M.'      2 ? 
primary 'Kikuchi, Y.'      3 ? 
primary 'Wilkinson, O.'    4 ? 
primary 'Millington, C.L.' 5 ? 
primary 'Margison, G.P.'   6 ? 
primary 'Williams, D.M.'   7 ? 
primary 'Takenaka, A.'     8 ? 
# 
loop_
_entity.id 
_entity.type 
_entity.src_method 
_entity.pdbx_description 
_entity.formula_weight 
_entity.pdbx_number_of_molecules 
_entity.pdbx_ec 
_entity.pdbx_mutation 
_entity.pdbx_fragment 
_entity.details 
1 polymer     syn 
;DNA (5'-D(*CP*GP*CP*(C6G)P*AP*AP*TP*TP*TP*GP*CP*G)-3')
;
3736.439 2   ? ? ? 'damaged DNA' 
2 non-polymer syn 'SODIUM ION'                                             22.990   1   ? ? ? ?             
3 non-polymer syn 'BARIUM ION'                                             137.327  1   ? ? ? ?             
4 water       nat water                                                    18.015   125 ? ? ? ?             
# 
_entity_poly.entity_id                      1 
_entity_poly.type                           polydeoxyribonucleotide 
_entity_poly.nstd_linkage                   no 
_entity_poly.nstd_monomer                   yes 
_entity_poly.pdbx_seq_one_letter_code       '(DC)(DG)(DC)(C6G)(DA)(DA)(DT)(DT)(DT)(DG)(DC)(DG)' 
_entity_poly.pdbx_seq_one_letter_code_can   CGCXAATTTGCG 
_entity_poly.pdbx_strand_id                 A,B 
_entity_poly.pdbx_target_identifier         ? 
# 
loop_
_pdbx_entity_nonpoly.entity_id 
_pdbx_entity_nonpoly.name 
_pdbx_entity_nonpoly.comp_id 
2 'SODIUM ION' NA  
3 'BARIUM ION' BA  
4 water        HOH 
# 
loop_
_entity_poly_seq.entity_id 
_entity_poly_seq.num 
_entity_poly_seq.mon_id 
_entity_poly_seq.hetero 
1 1  DC  n 
1 2  DG  n 
1 3  DC  n 
1 4  C6G n 
1 5  DA  n 
1 6  DA  n 
1 7  DT  n 
1 8  DT  n 
1 9  DT  n 
1 10 DG  n 
1 11 DC  n 
1 12 DG  n 
# 
loop_
_chem_comp.id 
_chem_comp.type 
_chem_comp.mon_nstd_flag 
_chem_comp.name 
_chem_comp.pdbx_synonyms 
_chem_comp.formula 
_chem_comp.formula_weight 
BA  non-polymer   . 'BARIUM ION'                                                                                  ? 'Ba 2' 137.327 
C6G 'DNA linking' n '6-(carboxymethoxy)-9-(2-deoxy-5-O-phosphono-beta-D-erythro-pentofuranosyl)-9H-purin-2-amine' ? 
'C12 H16 N5 O9 P' 405.257 
DA  'DNA linking' y "2'-DEOXYADENOSINE-5'-MONOPHOSPHATE"                                                          ? 
'C10 H14 N5 O6 P' 331.222 
DC  'DNA linking' y "2'-DEOXYCYTIDINE-5'-MONOPHOSPHATE"                                                           ? 
'C9 H14 N3 O7 P'  307.197 
DG  'DNA linking' y "2'-DEOXYGUANOSINE-5'-MONOPHOSPHATE"                                                          ? 
'C10 H14 N5 O7 P' 347.221 
DT  'DNA linking' y "THYMIDINE-5'-MONOPHOSPHATE"                                                                  ? 
'C10 H15 N2 O8 P' 322.208 
HOH non-polymer   . WATER                                                                                         ? 'H2 O' 18.015  
NA  non-polymer   . 'SODIUM ION'                                                                                  ? 'Na 1' 22.990  
# 
loop_
_pdbx_poly_seq_scheme.asym_id 
_pdbx_poly_seq_scheme.entity_id 
_pdbx_poly_seq_scheme.seq_id 
_pdbx_poly_seq_scheme.mon_id 
_pdbx_poly_seq_scheme.ndb_seq_num 
_pdbx_poly_seq_scheme.pdb_seq_num 
_pdbx_poly_seq_scheme.auth_seq_num 
_pdbx_poly_seq_scheme.pdb_mon_id 
_pdbx_poly_seq_scheme.auth_mon_id 
_pdbx_poly_seq_scheme.pdb_strand_id 
_pdbx_poly_seq_scheme.pdb_ins_code 
_pdbx_poly_seq_scheme.hetero 
A 1 1  DC  1  1  1  DC  DC  A . n 
A 1 2  DG  2  2  2  DG  DG  A . n 
A 1 3  DC  3  3  3  DC  DC  A . n 
A 1 4  C6G 4  4  4  C6G C6G A . n 
A 1 5  DA  5  5  5  DA  DA  A . n 
A 1 6  DA  6  6  6  DA  DA  A . n 
A 1 7  DT  7  7  7  DT  DT  A . n 
A 1 8  DT  8  8  8  DT  DT  A . n 
A 1 9  DT  9  9  9  DT  DT  A . n 
A 1 10 DG  10 10 10 DG  DG  A . n 
A 1 11 DC  11 11 11 DC  DC  A . n 
A 1 12 DG  12 12 12 DG  DG  A . n 
B 1 1  DC  1  13 13 DC  DC  B . n 
B 1 2  DG  2  14 14 DG  DG  B . n 
B 1 3  DC  3  15 15 DC  DC  B . n 
B 1 4  C6G 4  16 16 C6G C6G B . n 
B 1 5  DA  5  17 17 DA  DA  B . n 
B 1 6  DA  6  18 18 DA  DA  B . n 
B 1 7  DT  7  19 19 DT  DT  B . n 
B 1 8  DT  8  20 20 DT  DT  B . n 
B 1 9  DT  9  21 21 DT  DT  B . n 
B 1 10 DG  10 22 22 DG  DG  B . n 
B 1 11 DC  11 23 23 DC  DC  B . n 
B 1 12 DG  12 24 24 DG  DG  B . n 
# 
loop_
_pdbx_nonpoly_scheme.asym_id 
_pdbx_nonpoly_scheme.entity_id 
_pdbx_nonpoly_scheme.mon_id 
_pdbx_nonpoly_scheme.ndb_seq_num 
_pdbx_nonpoly_scheme.pdb_seq_num 
_pdbx_nonpoly_scheme.auth_seq_num 
_pdbx_nonpoly_scheme.pdb_mon_id 
_pdbx_nonpoly_scheme.auth_mon_id 
_pdbx_nonpoly_scheme.pdb_strand_id 
_pdbx_nonpoly_scheme.pdb_ins_code 
C 2 NA  1  101 1   NA  NA  A . 
D 3 BA  1  101 1   BA  BA  B . 
E 4 HOH 1  201 14  HOH HOH A . 
E 4 HOH 2  202 18  HOH HOH A . 
E 4 HOH 3  203 21  HOH HOH A . 
E 4 HOH 4  204 26  HOH HOH A . 
E 4 HOH 5  205 30  HOH HOH A . 
E 4 HOH 6  206 33  HOH HOH A . 
E 4 HOH 7  207 35  HOH HOH A . 
E 4 HOH 8  208 37  HOH HOH A . 
E 4 HOH 9  209 61  HOH HOH A . 
E 4 HOH 10 210 66  HOH HOH A . 
E 4 HOH 11 211 70  HOH HOH A . 
E 4 HOH 12 212 75  HOH HOH A . 
E 4 HOH 13 213 76  HOH HOH A . 
E 4 HOH 14 214 86  HOH HOH A . 
E 4 HOH 15 215 91  HOH HOH A . 
E 4 HOH 16 216 111 HOH HOH A . 
E 4 HOH 17 217 114 HOH HOH A . 
E 4 HOH 18 218 121 HOH HOH A . 
E 4 HOH 19 219 143 HOH HOH A . 
E 4 HOH 20 220 174 HOH HOH A . 
E 4 HOH 21 221 175 HOH HOH A . 
E 4 HOH 22 222 179 HOH HOH A . 
E 4 HOH 23 223 193 HOH HOH A . 
E 4 HOH 24 224 195 HOH HOH A . 
E 4 HOH 25 225 203 HOH HOH A . 
E 4 HOH 26 226 204 HOH HOH A . 
E 4 HOH 27 227 225 HOH HOH A . 
E 4 HOH 28 228 235 HOH HOH A . 
E 4 HOH 29 229 239 HOH HOH A . 
E 4 HOH 30 230 251 HOH HOH A . 
E 4 HOH 31 231 5   HOH HOH A . 
E 4 HOH 32 232 6   HOH HOH A . 
E 4 HOH 33 233 13  HOH HOH A . 
E 4 HOH 34 234 32  HOH HOH A . 
E 4 HOH 35 235 34  HOH HOH A . 
E 4 HOH 36 236 35  HOH HOH A . 
E 4 HOH 37 237 38  HOH HOH A . 
E 4 HOH 38 238 44  HOH HOH A . 
E 4 HOH 39 239 45  HOH HOH A . 
E 4 HOH 40 240 46  HOH HOH A . 
E 4 HOH 41 241 47  HOH HOH A . 
E 4 HOH 42 242 48  HOH HOH A . 
E 4 HOH 43 243 49  HOH HOH A . 
E 4 HOH 44 244 57  HOH HOH A . 
E 4 HOH 45 245 59  HOH HOH A . 
E 4 HOH 46 246 60  HOH HOH A . 
E 4 HOH 47 247 61  HOH HOH A . 
E 4 HOH 48 248 67  HOH HOH A . 
E 4 HOH 49 249 71  HOH HOH A . 
E 4 HOH 50 250 72  HOH HOH A . 
E 4 HOH 51 251 73  HOH HOH A . 
E 4 HOH 52 252 77  HOH HOH A . 
E 4 HOH 53 253 82  HOH HOH A . 
E 4 HOH 54 254 10  HOH HOH A . 
E 4 HOH 55 255 11  HOH HOH A . 
E 4 HOH 56 256 12  HOH HOH A . 
F 4 HOH 1  201 24  HOH HOH B . 
F 4 HOH 2  202 1   HOH HOH B . 
F 4 HOH 3  203 4   HOH HOH B . 
F 4 HOH 4  204 5   HOH HOH B . 
F 4 HOH 5  205 7   HOH HOH B . 
F 4 HOH 6  206 8   HOH HOH B . 
F 4 HOH 7  207 9   HOH HOH B . 
F 4 HOH 8  208 13  HOH HOH B . 
F 4 HOH 9  209 15  HOH HOH B . 
F 4 HOH 10 210 16  HOH HOH B . 
F 4 HOH 11 211 17  HOH HOH B . 
F 4 HOH 12 212 20  HOH HOH B . 
F 4 HOH 13 213 25  HOH HOH B . 
F 4 HOH 14 214 36  HOH HOH B . 
F 4 HOH 15 215 40  HOH HOH B . 
F 4 HOH 16 216 44  HOH HOH B . 
F 4 HOH 17 217 45  HOH HOH B . 
F 4 HOH 18 218 46  HOH HOH B . 
F 4 HOH 19 219 52  HOH HOH B . 
F 4 HOH 20 220 54  HOH HOH B . 
F 4 HOH 21 221 64  HOH HOH B . 
F 4 HOH 22 222 74  HOH HOH B . 
F 4 HOH 23 223 82  HOH HOH B . 
F 4 HOH 24 224 87  HOH HOH B . 
F 4 HOH 25 225 89  HOH HOH B . 
F 4 HOH 26 226 90  HOH HOH B . 
F 4 HOH 27 227 97  HOH HOH B . 
F 4 HOH 28 228 98  HOH HOH B . 
F 4 HOH 29 229 117 HOH HOH B . 
F 4 HOH 30 230 122 HOH HOH B . 
F 4 HOH 31 231 129 HOH HOH B . 
F 4 HOH 32 232 134 HOH HOH B . 
F 4 HOH 33 233 135 HOH HOH B . 
F 4 HOH 34 234 136 HOH HOH B . 
F 4 HOH 35 235 155 HOH HOH B . 
F 4 HOH 36 236 183 HOH HOH B . 
F 4 HOH 37 237 186 HOH HOH B . 
F 4 HOH 38 238 196 HOH HOH B . 
F 4 HOH 39 239 224 HOH HOH B . 
F 4 HOH 40 240 229 HOH HOH B . 
F 4 HOH 41 241 232 HOH HOH B . 
F 4 HOH 42 242 234 HOH HOH B . 
F 4 HOH 43 243 247 HOH HOH B . 
F 4 HOH 44 244 248 HOH HOH B . 
F 4 HOH 45 245 249 HOH HOH B . 
F 4 HOH 46 246 14  HOH HOH B . 
F 4 HOH 47 247 15  HOH HOH B . 
F 4 HOH 48 248 17  HOH HOH B . 
F 4 HOH 49 249 20  HOH HOH B . 
F 4 HOH 50 250 21  HOH HOH B . 
F 4 HOH 51 251 37  HOH HOH B . 
F 4 HOH 52 252 39  HOH HOH B . 
F 4 HOH 53 253 43  HOH HOH B . 
F 4 HOH 54 254 50  HOH HOH B . 
F 4 HOH 55 255 51  HOH HOH B . 
F 4 HOH 56 256 53  HOH HOH B . 
F 4 HOH 57 257 54  HOH HOH B . 
F 4 HOH 58 258 55  HOH HOH B . 
F 4 HOH 59 259 56  HOH HOH B . 
F 4 HOH 60 260 62  HOH HOH B . 
F 4 HOH 61 261 63  HOH HOH B . 
F 4 HOH 62 262 65  HOH HOH B . 
F 4 HOH 63 263 66  HOH HOH B . 
F 4 HOH 64 264 68  HOH HOH B . 
F 4 HOH 65 265 69  HOH HOH B . 
F 4 HOH 66 266 76  HOH HOH B . 
F 4 HOH 67 267 80  HOH HOH B . 
F 4 HOH 68 268 81  HOH HOH B . 
F 4 HOH 69 269 83  HOH HOH B . 
# 
loop_
_software.pdbx_ordinal 
_software.name 
_software.version 
_software.date 
_software.type 
_software.contact_author 
_software.contact_author_email 
_software.classification 
_software.location 
_software.language 
_software.citation_id 
1 SCALEPACK   .        ?               program 'Zbyszek Otwinowski' hkl@hkl-xray.com         'data scaling'    
http://www.hkl-xray.com/                     ?          ? 
2 MOLREP      .        ?               program 'Alexei Vaguine'     alexei@ysbl.york.ac.uk   phasing           
http://www.ccp4.ac.uk/dist/html/molrep.html  Fortran_77 ? 
3 REFMAC      5.5.0109 ?               program 'Garib N. Murshudov' garib@ysbl.york.ac.uk    refinement        
http://www.ccp4.ac.uk/dist/html/refmac5.html Fortran_77 ? 
4 PDB_EXTRACT 3.14     'Dec. 10, 2013' package PDB                  deposit@deposit.rcsb.org 'data extraction' 
http://sw-tools.pdb.org/apps/PDB_EXTRACT/    C++        ? 
5 DENZO       .        ?               ?       ?                    ?                        'data reduction'  ? ?          ? 
# 
_cell.entry_id           4O5Z 
_cell.length_a           25.873 
_cell.length_b           41.764 
_cell.length_c           64.608 
_cell.angle_alpha        90.00 
_cell.angle_beta         90.00 
_cell.angle_gamma        90.00 
_cell.Z_PDB              8 
_cell.pdbx_unique_axis   ? 
_cell.length_a_esd       ? 
_cell.length_b_esd       ? 
_cell.length_c_esd       ? 
_cell.angle_alpha_esd    ? 
_cell.angle_beta_esd     ? 
_cell.angle_gamma_esd    ? 
# 
_symmetry.entry_id                         4O5Z 
_symmetry.space_group_name_H-M             'P 21 21 21' 
_symmetry.pdbx_full_space_group_name_H-M   ? 
_symmetry.cell_setting                     ? 
_symmetry.Int_Tables_number                19 
_symmetry.space_group_name_Hall            ? 
# 
_exptl.entry_id          4O5Z 
_exptl.method            'X-RAY DIFFRACTION' 
_exptl.crystals_number   1 
# 
_exptl_crystal.id                    1 
_exptl_crystal.density_meas          ? 
_exptl_crystal.density_Matthews      2.34 
_exptl_crystal.density_percent_sol   47.34 
_exptl_crystal.description           ? 
_exptl_crystal.F_000                 ? 
_exptl_crystal.preparation           ? 
# 
_exptl_crystal_grow.crystal_id      1 
_exptl_crystal_grow.method          'VAPOR DIFFUSION, HANGING DROP' 
_exptl_crystal_grow.temp            277 
_exptl_crystal_grow.temp_details    ? 
_exptl_crystal_grow.pH              7.0 
_exptl_crystal_grow.pdbx_pH_range   ? 
_exptl_crystal_grow.pdbx_details    
;5%(v/v)MPD, 6mM spermine 4HCL, 40mM NaCL, 10mM BaCL2, 20mM Na cacodylate(pH7.0), 0.5mM DNA, vapor diffusion, hanging drop, temperature 277K
;
# 
_diffrn.id                     1 
_diffrn.ambient_temp           100 
_diffrn.ambient_temp_details   ? 
_diffrn.crystal_id             1 
# 
_diffrn_detector.diffrn_id              1 
_diffrn_detector.detector               CCD 
_diffrn_detector.type                   'ADSC QUANTUM 315r' 
_diffrn_detector.pdbx_collection_date   2012-04-21 
_diffrn_detector.details                ? 
# 
_diffrn_radiation.diffrn_id                        1 
_diffrn_radiation.wavelength_id                    1 
_diffrn_radiation.pdbx_monochromatic_or_laue_m_l   M 
_diffrn_radiation.monochromator                    ? 
_diffrn_radiation.pdbx_diffrn_protocol             'SINGLE WAVELENGTH' 
_diffrn_radiation.pdbx_scattering_type             x-ray 
# 
_diffrn_radiation_wavelength.id           1 
_diffrn_radiation_wavelength.wavelength   1.00 
_diffrn_radiation_wavelength.wt           1.0 
# 
_diffrn_source.diffrn_id                   1 
_diffrn_source.source                      SYNCHROTRON 
_diffrn_source.type                        'PHOTON FACTORY BEAMLINE BL-5A' 
_diffrn_source.pdbx_synchrotron_site       'Photon Factory' 
_diffrn_source.pdbx_synchrotron_beamline   BL-5A 
_diffrn_source.pdbx_wavelength             ? 
_diffrn_source.pdbx_wavelength_list        1.00 
# 
_reflns.pdbx_diffrn_id               1 
_reflns.pdbx_ordinal                 1 
_reflns.entry_id                     4O5Z 
_reflns.observed_criterion_sigma_I   ? 
_reflns.observed_criterion_sigma_F   ? 
_reflns.d_resolution_low             50.000 
_reflns.d_resolution_high            1.750 
_reflns.number_obs                   7150 
_reflns.number_all                   ? 
_reflns.percent_possible_obs         94.900 
_reflns.pdbx_Rmerge_I_obs            0.044 
_reflns.pdbx_Rsym_value              ? 
_reflns.pdbx_netI_over_sigmaI        19.600 
_reflns.B_iso_Wilson_estimate        ? 
_reflns.pdbx_redundancy              9.600 
_reflns.R_free_details               ? 
_reflns.pdbx_chi_squared             ? 
_reflns.pdbx_scaling_rejects         ? 
# 
loop_
_reflns_shell.pdbx_diffrn_id 
_reflns_shell.pdbx_ordinal 
_reflns_shell.d_res_high 
_reflns_shell.d_res_low 
_reflns_shell.percent_possible_all 
_reflns_shell.Rmerge_I_obs 
_reflns_shell.pdbx_Rsym_value 
_reflns_shell.meanI_over_sigI_obs 
_reflns_shell.pdbx_redundancy 
_reflns_shell.percent_possible_obs 
_reflns_shell.number_unique_all 
_reflns_shell.number_measured_all 
_reflns_shell.number_measured_obs 
_reflns_shell.number_unique_obs 
_reflns_shell.pdbx_chi_squared 
1 1  1.750 1.780  56.700  0.612 ? ? 2.100  ? ? ? ? ? ? 
1 2  1.780 1.810  70.400  0.674 ? ? 2.500  ? ? ? ? ? ? 
1 3  1.810 1.850  89.000  ?     ? ? 3.000  ? ? ? ? ? ? 
1 4  1.850 1.890  96.200  ?     ? ? 3.900  ? ? ? ? ? ? 
1 5  1.890 1.930  96.900  ?     ? ? 4.800  ? ? ? ? ? ? 
1 6  1.930 1.970  99.500  0.930 ? ? 5.400  ? ? ? ? ? ? 
1 7  1.970 2.020  99.200  0.612 ? ? 6.200  ? ? ? ? ? ? 
1 8  2.020 2.070  100.000 0.533 ? ? 6.700  ? ? ? ? ? ? 
1 9  2.070 2.140  100.000 0.380 ? ? 6.900  ? ? ? ? ? ? 
1 10 2.140 2.200  100.000 0.320 ? ? 7.400  ? ? ? ? ? ? 
1 11 2.200 2.280  100.000 0.241 ? ? 14.200 ? ? ? ? ? ? 
1 12 2.280 2.380  100.000 0.193 ? ? 14.000 ? ? ? ? ? ? 
1 13 2.380 2.480  100.000 0.144 ? ? 13.900 ? ? ? ? ? ? 
1 14 2.480 2.610  100.000 0.096 ? ? 13.900 ? ? ? ? ? ? 
1 15 2.610 2.780  100.000 0.076 ? ? 14.000 ? ? ? ? ? ? 
1 16 2.780 2.990  100.000 0.059 ? ? 13.900 ? ? ? ? ? ? 
1 17 2.990 3.290  99.200  0.034 ? ? 13.500 ? ? ? ? ? ? 
1 18 3.290 3.770  97.400  0.031 ? ? 13.300 ? ? ? ? ? ? 
1 19 3.770 4.750  98.200  0.026 ? ? 13.000 ? ? ? ? ? ? 
1 20 4.750 50.000 91.900  0.030 ? ? 11.300 ? ? ? ? ? ? 
# 
_refine.pdbx_refine_id                           'X-RAY DIFFRACTION' 
_refine.entry_id                                 4O5Z 
_refine.pdbx_diffrn_id                           1 
_refine.pdbx_TLS_residual_ADP_flag               ? 
_refine.ls_number_reflns_obs                     6734 
_refine.ls_number_reflns_all                     ? 
_refine.pdbx_ls_sigma_I                          ? 
_refine.pdbx_ls_sigma_F                          . 
_refine.pdbx_data_cutoff_high_absF               ? 
_refine.pdbx_data_cutoff_low_absF                ? 
_refine.pdbx_data_cutoff_high_rms_absF           ? 
_refine.ls_d_res_low                             35.07 
_refine.ls_d_res_high                            1.75 
_refine.ls_percent_reflns_obs                    94.16 
_refine.ls_R_factor_obs                          0.22936 
_refine.ls_R_factor_all                          ? 
_refine.ls_R_factor_R_work                       0.22760 
_refine.ls_R_factor_R_free                       0.26349 
_refine.ls_R_factor_R_free_error                 ? 
_refine.ls_R_factor_R_free_error_details         ? 
_refine.ls_percent_reflns_R_free                 4.9 
_refine.ls_number_reflns_R_free                  346 
_refine.ls_number_parameters                     ? 
_refine.ls_number_restraints                     ? 
_refine.occupancy_min                            0.700 
_refine.occupancy_max                            1.000 
_refine.correlation_coeff_Fo_to_Fc               0.963 
_refine.correlation_coeff_Fo_to_Fc_free          0.955 
_refine.B_iso_mean                               38.359 
_refine.aniso_B[1][1]                            2.01 
_refine.aniso_B[2][2]                            -0.19 
_refine.aniso_B[3][3]                            -1.82 
_refine.aniso_B[1][2]                            0.00 
_refine.aniso_B[1][3]                            0.00 
_refine.aniso_B[2][3]                            0.00 
_refine.solvent_model_details                    MASK 
_refine.solvent_model_param_ksol                 ? 
_refine.solvent_model_param_bsol                 ? 
_refine.pdbx_solvent_vdw_probe_radii             1.40 
_refine.pdbx_solvent_ion_probe_radii             0.80 
_refine.pdbx_solvent_shrinkage_radii             0.80 
_refine.pdbx_ls_cross_valid_method               THROUGHOUT 
_refine.details                                  'HYDROGENS HAVE BEEN ADDED IN THE RIDING POSITIONS' 
_refine.pdbx_starting_model                      ? 
_refine.pdbx_method_to_determine_struct          'MOLECULAR REPLACEMENT' 
_refine.pdbx_isotropic_thermal_model             ? 
_refine.pdbx_stereochemistry_target_values       'MAXIMUM LIKELIHOOD' 
_refine.pdbx_stereochem_target_val_spec_case     ? 
_refine.pdbx_R_Free_selection_details            RANDOM 
_refine.pdbx_overall_ESU_R                       0.158 
_refine.pdbx_overall_ESU_R_Free                  0.145 
_refine.overall_SU_ML                            0.154 
_refine.pdbx_overall_phase_error                 ? 
_refine.overall_SU_B                             5.542 
_refine.overall_SU_R_Cruickshank_DPI             0.1500 
_refine.pdbx_overall_SU_R_free_Cruickshank_DPI   ? 
_refine.pdbx_overall_SU_R_Blow_DPI               ? 
_refine.pdbx_overall_SU_R_free_Blow_DPI          ? 
_refine.ls_redundancy_reflns_obs                 ? 
_refine.overall_SU_R_free                        ? 
_refine.ls_wR_factor_R_free                      ? 
_refine.ls_wR_factor_R_work                      ? 
_refine.overall_FOM_free_R_set                   ? 
_refine.overall_FOM_work_R_set                   ? 
# 
_refine_hist.pdbx_refine_id                   'X-RAY DIFFRACTION' 
_refine_hist.cycle_id                         LAST 
_refine_hist.pdbx_number_atoms_protein        0 
_refine_hist.pdbx_number_atoms_nucleic_acid   496 
_refine_hist.pdbx_number_atoms_ligand         2 
_refine_hist.number_atoms_solvent             125 
_refine_hist.number_atoms_total               623 
_refine_hist.d_res_high                       1.75 
_refine_hist.d_res_low                        35.07 
# 
loop_
_refine_ls_restr.type 
_refine_ls_restr.dev_ideal 
_refine_ls_restr.dev_ideal_target 
_refine_ls_restr.weight 
_refine_ls_restr.number 
_refine_ls_restr.pdbx_refine_id 
_refine_ls_restr.pdbx_restraint_function 
r_bond_refined_d             0.021 0.021 ? 552 'X-RAY DIFFRACTION' ? 
r_bond_other_d               ?     ?     ? ?   'X-RAY DIFFRACTION' ? 
r_angle_refined_deg          2.576 3.000 ? 834 'X-RAY DIFFRACTION' ? 
r_angle_other_deg            ?     ?     ? ?   'X-RAY DIFFRACTION' ? 
r_dihedral_angle_1_deg       ?     ?     ? ?   'X-RAY DIFFRACTION' ? 
r_dihedral_angle_2_deg       ?     ?     ? ?   'X-RAY DIFFRACTION' ? 
r_dihedral_angle_3_deg       ?     ?     ? ?   'X-RAY DIFFRACTION' ? 
r_dihedral_angle_4_deg       ?     ?     ? ?   'X-RAY DIFFRACTION' ? 
r_chiral_restr               0.320 0.200 ? 94  'X-RAY DIFFRACTION' ? 
r_gen_planes_refined         0.019 0.020 ? 262 'X-RAY DIFFRACTION' ? 
r_gen_planes_other           ?     ?     ? ?   'X-RAY DIFFRACTION' ? 
r_nbd_refined                ?     ?     ? ?   'X-RAY DIFFRACTION' ? 
r_nbd_other                  ?     ?     ? ?   'X-RAY DIFFRACTION' ? 
r_nbtor_refined              ?     ?     ? ?   'X-RAY DIFFRACTION' ? 
r_nbtor_other                ?     ?     ? ?   'X-RAY DIFFRACTION' ? 
r_xyhbond_nbd_refined        ?     ?     ? ?   'X-RAY DIFFRACTION' ? 
r_xyhbond_nbd_other          ?     ?     ? ?   'X-RAY DIFFRACTION' ? 
r_metal_ion_refined          ?     ?     ? ?   'X-RAY DIFFRACTION' ? 
r_metal_ion_other            ?     ?     ? ?   'X-RAY DIFFRACTION' ? 
r_symmetry_vdw_refined       ?     ?     ? ?   'X-RAY DIFFRACTION' ? 
r_symmetry_vdw_other         ?     ?     ? ?   'X-RAY DIFFRACTION' ? 
r_symmetry_hbond_refined     ?     ?     ? ?   'X-RAY DIFFRACTION' ? 
r_symmetry_hbond_other       ?     ?     ? ?   'X-RAY DIFFRACTION' ? 
r_symmetry_metal_ion_refined ?     ?     ? ?   'X-RAY DIFFRACTION' ? 
r_symmetry_metal_ion_other   ?     ?     ? ?   'X-RAY DIFFRACTION' ? 
r_mcbond_it                  ?     ?     ? ?   'X-RAY DIFFRACTION' ? 
r_mcbond_other               ?     ?     ? ?   'X-RAY DIFFRACTION' ? 
r_mcangle_it                 ?     ?     ? ?   'X-RAY DIFFRACTION' ? 
r_mcangle_other              ?     ?     ? ?   'X-RAY DIFFRACTION' ? 
r_scbond_it                  2.933 3.000 ? 552 'X-RAY DIFFRACTION' ? 
r_scbond_other               ?     ?     ? ?   'X-RAY DIFFRACTION' ? 
r_scangle_it                 4.303 4.500 ? 834 'X-RAY DIFFRACTION' ? 
r_scangle_other              ?     ?     ? ?   'X-RAY DIFFRACTION' ? 
r_long_range_B_refined       ?     ?     ? ?   'X-RAY DIFFRACTION' ? 
r_long_range_B_other         ?     ?     ? ?   'X-RAY DIFFRACTION' ? 
r_rigid_bond_restr           ?     ?     ? ?   'X-RAY DIFFRACTION' ? 
r_sphericity_free            ?     ?     ? ?   'X-RAY DIFFRACTION' ? 
r_sphericity_bonded          ?     ?     ? ?   'X-RAY DIFFRACTION' ? 
# 
_refine_ls_shell.pdbx_refine_id                   'X-RAY DIFFRACTION' 
_refine_ls_shell.pdbx_total_number_of_bins_used   20 
_refine_ls_shell.d_res_high                       1.747 
_refine_ls_shell.d_res_low                        1.793 
_refine_ls_shell.number_reflns_R_work             284 
_refine_ls_shell.R_factor_R_work                  0.387 
_refine_ls_shell.percent_reflns_obs               55.81 
_refine_ls_shell.R_factor_R_free                  0.368 
_refine_ls_shell.R_factor_R_free_error            ? 
_refine_ls_shell.percent_reflns_R_free            ? 
_refine_ls_shell.number_reflns_R_free             9 
_refine_ls_shell.number_reflns_all                ? 
_refine_ls_shell.R_factor_all                     ? 
_refine_ls_shell.redundancy_reflns_obs            ? 
_refine_ls_shell.number_reflns_obs                ? 
# 
_struct.entry_id                  4O5Z 
_struct.title                     
'O6-carboxymethylguanine in DNA forms a sequence context dependent wobble base pair structure with thymine' 
_struct.pdbx_model_details        ? 
_struct.pdbx_CASP_flag            ? 
_struct.pdbx_model_type_details   ? 
# 
_struct_keywords.entry_id        4O5Z 
_struct_keywords.text            'damaged DNA, O6-carboxymethylguanine, DNA' 
_struct_keywords.pdbx_keywords   DNA 
# 
loop_
_struct_asym.id 
_struct_asym.pdbx_blank_PDB_chainid_flag 
_struct_asym.pdbx_modified 
_struct_asym.entity_id 
_struct_asym.details 
A N N 1 ? 
B N N 1 ? 
C N N 2 ? 
D N N 3 ? 
E N N 4 ? 
F N N 4 ? 
# 
_struct_ref.id                         1 
_struct_ref.db_name                    PDB 
_struct_ref.db_code                    4O5Z 
_struct_ref.pdbx_db_accession          4O5Z 
_struct_ref.entity_id                  1 
_struct_ref.pdbx_align_begin           ? 
_struct_ref.pdbx_seq_one_letter_code   ? 
_struct_ref.pdbx_db_isoform            ? 
# 
loop_
_struct_ref_seq.align_id 
_struct_ref_seq.ref_id 
_struct_ref_seq.pdbx_PDB_id_code 
_struct_ref_seq.pdbx_strand_id 
_struct_ref_seq.seq_align_beg 
_struct_ref_seq.pdbx_seq_align_beg_ins_code 
_struct_ref_seq.seq_align_end 
_struct_ref_seq.pdbx_seq_align_end_ins_code 
_struct_ref_seq.pdbx_db_accession 
_struct_ref_seq.db_align_beg 
_struct_ref_seq.pdbx_db_align_beg_ins_code 
_struct_ref_seq.db_align_end 
_struct_ref_seq.pdbx_db_align_end_ins_code 
_struct_ref_seq.pdbx_auth_seq_align_beg 
_struct_ref_seq.pdbx_auth_seq_align_end 
1 1 4O5Z A 1 ? 12 ? 4O5Z 1  ? 12 ? 1  12 
2 1 4O5Z B 1 ? 12 ? 4O5Z 13 ? 24 ? 13 24 
# 
_pdbx_struct_assembly.id                   1 
_pdbx_struct_assembly.details              author_and_software_defined_assembly 
_pdbx_struct_assembly.method_details       PISA 
_pdbx_struct_assembly.oligomeric_details   dimeric 
_pdbx_struct_assembly.oligomeric_count     2 
# 
loop_
_pdbx_struct_assembly_prop.biol_id 
_pdbx_struct_assembly_prop.type 
_pdbx_struct_assembly_prop.value 
_pdbx_struct_assembly_prop.details 
1 'ABSA (A^2)' 1630 ? 
1 MORE         -22  ? 
1 'SSA (A^2)'  4540 ? 
# 
_pdbx_struct_assembly_gen.assembly_id       1 
_pdbx_struct_assembly_gen.oper_expression   1 
_pdbx_struct_assembly_gen.asym_id_list      A,B,C,D,E,F 
# 
_pdbx_struct_oper_list.id                   1 
_pdbx_struct_oper_list.type                 'identity operation' 
_pdbx_struct_oper_list.name                 1_555 
_pdbx_struct_oper_list.symmetry_operation   x,y,z 
_pdbx_struct_oper_list.matrix[1][1]         1.0000000000 
_pdbx_struct_oper_list.matrix[1][2]         0.0000000000 
_pdbx_struct_oper_list.matrix[1][3]         0.0000000000 
_pdbx_struct_oper_list.vector[1]            0.0000000000 
_pdbx_struct_oper_list.matrix[2][1]         0.0000000000 
_pdbx_struct_oper_list.matrix[2][2]         1.0000000000 
_pdbx_struct_oper_list.matrix[2][3]         0.0000000000 
_pdbx_struct_oper_list.vector[2]            0.0000000000 
_pdbx_struct_oper_list.matrix[3][1]         0.0000000000 
_pdbx_struct_oper_list.matrix[3][2]         0.0000000000 
_pdbx_struct_oper_list.matrix[3][3]         1.0000000000 
_pdbx_struct_oper_list.vector[3]            0.0000000000 
# 
_struct_biol.id        1 
_struct_biol.details   ? 
# 
loop_
_struct_conn.id 
_struct_conn.conn_type_id 
_struct_conn.pdbx_leaving_atom_flag 
_struct_conn.pdbx_PDB_id 
_struct_conn.ptnr1_label_asym_id 
_struct_conn.ptnr1_label_comp_id 
_struct_conn.ptnr1_label_seq_id 
_struct_conn.ptnr1_label_atom_id 
_struct_conn.pdbx_ptnr1_label_alt_id 
_struct_conn.pdbx_ptnr1_PDB_ins_code 
_struct_conn.pdbx_ptnr1_standard_comp_id 
_struct_conn.ptnr1_symmetry 
_struct_conn.ptnr2_label_asym_id 
_struct_conn.ptnr2_label_comp_id 
_struct_conn.ptnr2_label_seq_id 
_struct_conn.ptnr2_label_atom_id 
_struct_conn.pdbx_ptnr2_label_alt_id 
_struct_conn.pdbx_ptnr2_PDB_ins_code 
_struct_conn.ptnr1_auth_asym_id 
_struct_conn.ptnr1_auth_comp_id 
_struct_conn.ptnr1_auth_seq_id 
_struct_conn.ptnr2_auth_asym_id 
_struct_conn.ptnr2_auth_comp_id 
_struct_conn.ptnr2_auth_seq_id 
_struct_conn.ptnr2_symmetry 
_struct_conn.pdbx_ptnr3_label_atom_id 
_struct_conn.pdbx_ptnr3_label_seq_id 
_struct_conn.pdbx_ptnr3_label_comp_id 
_struct_conn.pdbx_ptnr3_label_asym_id 
_struct_conn.pdbx_ptnr3_label_alt_id 
_struct_conn.pdbx_ptnr3_PDB_ins_code 
_struct_conn.details 
_struct_conn.pdbx_dist_value 
_struct_conn.pdbx_value_order 
_struct_conn.pdbx_role 
covale1  covale both ? A DC  3  "O3'" ? ? ? 1_555 A C6G 4  P  ? ? A DC  3   A C6G 4   1_555 ? ? ? ? ? ? ?            1.569 ? ? 
covale2  covale one  ? A C6G 4  "O3'" ? ? ? 1_555 A DA  5  P  ? ? A C6G 4   A DA  5   1_555 ? ? ? ? ? ? ?            1.748 ? ? 
covale3  covale both ? B DC  3  "O3'" ? ? ? 1_555 B C6G 4  P  ? ? B DC  15  B C6G 16  1_555 ? ? ? ? ? ? ?            1.583 ? ? 
covale4  covale one  ? B C6G 4  "O3'" ? ? ? 1_555 B DA  5  P  ? ? B C6G 16  B DA  17  1_555 ? ? ? ? ? ? ?            1.638 ? ? 
metalc1  metalc ?    ? A DT  9  O4    ? ? ? 1_555 C NA  .  NA ? ? A DT  9   A NA  101 1_555 ? ? ? ? ? ? ?            2.883 ? ? 
metalc2  metalc ?    ? C NA  .  NA    ? ? ? 1_555 E HOH .  O  ? ? A NA  101 A HOH 203 1_555 ? ? ? ? ? ? ?            2.453 ? ? 
metalc3  metalc ?    ? C NA  .  NA    ? ? ? 1_555 E HOH .  O  ? ? A NA  101 A HOH 229 1_555 ? ? ? ? ? ? ?            2.273 ? ? 
metalc4  metalc ?    ? C NA  .  NA    ? ? ? 1_555 F HOH .  O  ? ? A NA  101 B HOH 235 1_555 ? ? ? ? ? ? ?            2.751 ? ? 
metalc5  metalc ?    ? E HOH .  O     ? ? ? 1_555 D BA  .  BA ? ? A HOH 204 B BA  101 1_555 ? ? ? ? ? ? ?            2.910 ? ? 
metalc6  metalc ?    ? B DT  9  O4    ? ? ? 1_555 D BA  .  BA ? ? B DT  21  B BA  101 1_555 ? ? ? ? ? ? ?            2.852 ? ? 
metalc7  metalc ?    ? B DG  10 O6    ? ? ? 1_555 D BA  .  BA ? ? B DG  22  B BA  101 1_555 ? ? ? ? ? ? ?            3.188 ? ? 
metalc8  metalc ?    ? D BA  .  BA    ? ? ? 1_555 F HOH .  O  ? ? B BA  101 B HOH 229 1_555 ? ? ? ? ? ? ?            2.776 ? ? 
metalc9  metalc ?    ? D BA  .  BA    ? ? ? 1_555 F HOH .  O  ? ? B BA  101 B HOH 245 1_555 ? ? ? ? ? ? ?            2.744 ? ? 
metalc10 metalc ?    ? D BA  .  BA    ? ? ? 1_555 F HOH .  O  ? ? B BA  101 B HOH 248 1_555 ? ? ? ? ? ? ?            3.150 ? ? 
metalc11 metalc ?    ? D BA  .  BA    ? ? ? 1_555 F HOH .  O  ? ? B BA  101 B HOH 251 1_555 ? ? ? ? ? ? ?            3.057 ? ? 
hydrog1  hydrog ?    ? A DC  1  N3    ? ? ? 1_555 B DG  12 N1 ? ? A DC  1   B DG  24  1_555 ? ? ? ? ? ? WATSON-CRICK ?     ? ? 
hydrog2  hydrog ?    ? A DC  1  N4    ? ? ? 1_555 B DG  12 O6 ? ? A DC  1   B DG  24  1_555 ? ? ? ? ? ? WATSON-CRICK ?     ? ? 
hydrog3  hydrog ?    ? A DC  1  O2    ? ? ? 1_555 B DG  12 N2 ? ? A DC  1   B DG  24  1_555 ? ? ? ? ? ? WATSON-CRICK ?     ? ? 
hydrog4  hydrog ?    ? A DG  2  N1    ? ? ? 1_555 B DC  11 N3 ? ? A DG  2   B DC  23  1_555 ? ? ? ? ? ? WATSON-CRICK ?     ? ? 
hydrog5  hydrog ?    ? A DG  2  N2    ? ? ? 1_555 B DC  11 O2 ? ? A DG  2   B DC  23  1_555 ? ? ? ? ? ? WATSON-CRICK ?     ? ? 
hydrog6  hydrog ?    ? A DG  2  O6    ? ? ? 1_555 B DC  11 N4 ? ? A DG  2   B DC  23  1_555 ? ? ? ? ? ? WATSON-CRICK ?     ? ? 
hydrog7  hydrog ?    ? A DC  3  N3    ? ? ? 1_555 B DG  10 N1 ? ? A DC  3   B DG  22  1_555 ? ? ? ? ? ? WATSON-CRICK ?     ? ? 
hydrog8  hydrog ?    ? A DC  3  N4    ? ? ? 1_555 B DG  10 O6 ? ? A DC  3   B DG  22  1_555 ? ? ? ? ? ? WATSON-CRICK ?     ? ? 
hydrog9  hydrog ?    ? A DC  3  O2    ? ? ? 1_555 B DG  10 N2 ? ? A DC  3   B DG  22  1_555 ? ? ? ? ? ? WATSON-CRICK ?     ? ? 
hydrog10 hydrog ?    ? A DA  5  N1    ? ? ? 1_555 B DT  8  N3 ? ? A DA  5   B DT  20  1_555 ? ? ? ? ? ? WATSON-CRICK ?     ? ? 
hydrog11 hydrog ?    ? A DA  5  N6    ? ? ? 1_555 B DT  8  O4 ? ? A DA  5   B DT  20  1_555 ? ? ? ? ? ? WATSON-CRICK ?     ? ? 
hydrog12 hydrog ?    ? A DA  6  N1    ? ? ? 1_555 B DT  7  N3 ? ? A DA  6   B DT  19  1_555 ? ? ? ? ? ? WATSON-CRICK ?     ? ? 
hydrog13 hydrog ?    ? A DA  6  N6    ? ? ? 1_555 B DT  7  O4 ? ? A DA  6   B DT  19  1_555 ? ? ? ? ? ? WATSON-CRICK ?     ? ? 
hydrog14 hydrog ?    ? A DT  7  N3    ? ? ? 1_555 B DA  6  N1 ? ? A DT  7   B DA  18  1_555 ? ? ? ? ? ? WATSON-CRICK ?     ? ? 
hydrog15 hydrog ?    ? A DT  7  O4    ? ? ? 1_555 B DA  6  N6 ? ? A DT  7   B DA  18  1_555 ? ? ? ? ? ? WATSON-CRICK ?     ? ? 
hydrog16 hydrog ?    ? A DT  8  N3    ? ? ? 1_555 B DA  5  N1 ? ? A DT  8   B DA  17  1_555 ? ? ? ? ? ? WATSON-CRICK ?     ? ? 
hydrog17 hydrog ?    ? A DT  8  O4    ? ? ? 1_555 B DA  5  N6 ? ? A DT  8   B DA  17  1_555 ? ? ? ? ? ? WATSON-CRICK ?     ? ? 
hydrog18 hydrog ?    ? A DG  10 N1    ? ? ? 1_555 B DC  3  N3 ? ? A DG  10  B DC  15  1_555 ? ? ? ? ? ? WATSON-CRICK ?     ? ? 
hydrog19 hydrog ?    ? A DG  10 N2    ? ? ? 1_555 B DC  3  O2 ? ? A DG  10  B DC  15  1_555 ? ? ? ? ? ? WATSON-CRICK ?     ? ? 
hydrog20 hydrog ?    ? A DG  10 O6    ? ? ? 1_555 B DC  3  N4 ? ? A DG  10  B DC  15  1_555 ? ? ? ? ? ? WATSON-CRICK ?     ? ? 
hydrog21 hydrog ?    ? A DC  11 N3    ? ? ? 1_555 B DG  2  N1 ? ? A DC  11  B DG  14  1_555 ? ? ? ? ? ? WATSON-CRICK ?     ? ? 
hydrog22 hydrog ?    ? A DC  11 N4    ? ? ? 1_555 B DG  2  O6 ? ? A DC  11  B DG  14  1_555 ? ? ? ? ? ? WATSON-CRICK ?     ? ? 
hydrog23 hydrog ?    ? A DC  11 O2    ? ? ? 1_555 B DG  2  N2 ? ? A DC  11  B DG  14  1_555 ? ? ? ? ? ? WATSON-CRICK ?     ? ? 
hydrog24 hydrog ?    ? A DG  12 N1    ? ? ? 1_555 B DC  1  N3 ? ? A DG  12  B DC  13  1_555 ? ? ? ? ? ? WATSON-CRICK ?     ? ? 
hydrog25 hydrog ?    ? A DG  12 N2    ? ? ? 1_555 B DC  1  O2 ? ? A DG  12  B DC  13  1_555 ? ? ? ? ? ? WATSON-CRICK ?     ? ? 
hydrog26 hydrog ?    ? A DG  12 O6    ? ? ? 1_555 B DC  1  N4 ? ? A DG  12  B DC  13  1_555 ? ? ? ? ? ? WATSON-CRICK ?     ? ? 
# 
loop_
_struct_conn_type.id 
_struct_conn_type.criteria 
_struct_conn_type.reference 
covale ? ? 
metalc ? ? 
hydrog ? ? 
# 
loop_
_pdbx_struct_conn_angle.id 
_pdbx_struct_conn_angle.ptnr1_label_atom_id 
_pdbx_struct_conn_angle.ptnr1_label_alt_id 
_pdbx_struct_conn_angle.ptnr1_label_asym_id 
_pdbx_struct_conn_angle.ptnr1_label_comp_id 
_pdbx_struct_conn_angle.ptnr1_label_seq_id 
_pdbx_struct_conn_angle.ptnr1_auth_atom_id 
_pdbx_struct_conn_angle.ptnr1_auth_asym_id 
_pdbx_struct_conn_angle.ptnr1_auth_comp_id 
_pdbx_struct_conn_angle.ptnr1_auth_seq_id 
_pdbx_struct_conn_angle.ptnr1_PDB_ins_code 
_pdbx_struct_conn_angle.ptnr1_symmetry 
_pdbx_struct_conn_angle.ptnr2_label_atom_id 
_pdbx_struct_conn_angle.ptnr2_label_alt_id 
_pdbx_struct_conn_angle.ptnr2_label_asym_id 
_pdbx_struct_conn_angle.ptnr2_label_comp_id 
_pdbx_struct_conn_angle.ptnr2_label_seq_id 
_pdbx_struct_conn_angle.ptnr2_auth_atom_id 
_pdbx_struct_conn_angle.ptnr2_auth_asym_id 
_pdbx_struct_conn_angle.ptnr2_auth_comp_id 
_pdbx_struct_conn_angle.ptnr2_auth_seq_id 
_pdbx_struct_conn_angle.ptnr2_PDB_ins_code 
_pdbx_struct_conn_angle.ptnr2_symmetry 
_pdbx_struct_conn_angle.ptnr3_label_atom_id 
_pdbx_struct_conn_angle.ptnr3_label_alt_id 
_pdbx_struct_conn_angle.ptnr3_label_asym_id 
_pdbx_struct_conn_angle.ptnr3_label_comp_id 
_pdbx_struct_conn_angle.ptnr3_label_seq_id 
_pdbx_struct_conn_angle.ptnr3_auth_atom_id 
_pdbx_struct_conn_angle.ptnr3_auth_asym_id 
_pdbx_struct_conn_angle.ptnr3_auth_comp_id 
_pdbx_struct_conn_angle.ptnr3_auth_seq_id 
_pdbx_struct_conn_angle.ptnr3_PDB_ins_code 
_pdbx_struct_conn_angle.ptnr3_symmetry 
_pdbx_struct_conn_angle.value 
_pdbx_struct_conn_angle.value_esd 
1  O4 ? A DT  9  ? A DT  9   ? 1_555 NA ? C NA . ? A NA 101 ? 1_555 O  ? E HOH .  ? A HOH 203 ? 1_555 70.7  ? 
2  O4 ? A DT  9  ? A DT  9   ? 1_555 NA ? C NA . ? A NA 101 ? 1_555 O  ? E HOH .  ? A HOH 229 ? 1_555 81.8  ? 
3  O  ? E HOH .  ? A HOH 203 ? 1_555 NA ? C NA . ? A NA 101 ? 1_555 O  ? E HOH .  ? A HOH 229 ? 1_555 130.6 ? 
4  O4 ? A DT  9  ? A DT  9   ? 1_555 NA ? C NA . ? A NA 101 ? 1_555 O  ? F HOH .  ? B HOH 235 ? 1_555 66.7  ? 
5  O  ? E HOH .  ? A HOH 203 ? 1_555 NA ? C NA . ? A NA 101 ? 1_555 O  ? F HOH .  ? B HOH 235 ? 1_555 85.2  ? 
6  O  ? E HOH .  ? A HOH 229 ? 1_555 NA ? C NA . ? A NA 101 ? 1_555 O  ? F HOH .  ? B HOH 235 ? 1_555 120.6 ? 
7  O  ? E HOH .  ? A HOH 204 ? 1_555 BA ? D BA . ? B BA 101 ? 1_555 O4 ? B DT  9  ? B DT  21  ? 1_555 140.4 ? 
8  O  ? E HOH .  ? A HOH 204 ? 1_555 BA ? D BA . ? B BA 101 ? 1_555 O6 ? B DG  10 ? B DG  22  ? 1_555 69.9  ? 
9  O4 ? B DT  9  ? B DT  21  ? 1_555 BA ? D BA . ? B BA 101 ? 1_555 O6 ? B DG  10 ? B DG  22  ? 1_555 78.2  ? 
10 O  ? E HOH .  ? A HOH 204 ? 1_555 BA ? D BA . ? B BA 101 ? 1_555 O  ? F HOH .  ? B HOH 229 ? 1_555 136.4 ? 
11 O4 ? B DT  9  ? B DT  21  ? 1_555 BA ? D BA . ? B BA 101 ? 1_555 O  ? F HOH .  ? B HOH 229 ? 1_555 53.3  ? 
12 O6 ? B DG  10 ? B DG  22  ? 1_555 BA ? D BA . ? B BA 101 ? 1_555 O  ? F HOH .  ? B HOH 229 ? 1_555 78.6  ? 
13 O  ? E HOH .  ? A HOH 204 ? 1_555 BA ? D BA . ? B BA 101 ? 1_555 O  ? F HOH .  ? B HOH 245 ? 1_555 74.0  ? 
14 O4 ? B DT  9  ? B DT  21  ? 1_555 BA ? D BA . ? B BA 101 ? 1_555 O  ? F HOH .  ? B HOH 245 ? 1_555 125.3 ? 
15 O6 ? B DG  10 ? B DG  22  ? 1_555 BA ? D BA . ? B BA 101 ? 1_555 O  ? F HOH .  ? B HOH 245 ? 1_555 141.0 ? 
16 O  ? F HOH .  ? B HOH 229 ? 1_555 BA ? D BA . ? B BA 101 ? 1_555 O  ? F HOH .  ? B HOH 245 ? 1_555 140.0 ? 
17 O  ? E HOH .  ? A HOH 204 ? 1_555 BA ? D BA . ? B BA 101 ? 1_555 O  ? F HOH .  ? B HOH 248 ? 1_555 98.3  ? 
18 O4 ? B DT  9  ? B DT  21  ? 1_555 BA ? D BA . ? B BA 101 ? 1_555 O  ? F HOH .  ? B HOH 248 ? 1_555 121.3 ? 
19 O6 ? B DG  10 ? B DG  22  ? 1_555 BA ? D BA . ? B BA 101 ? 1_555 O  ? F HOH .  ? B HOH 248 ? 1_555 140.0 ? 
20 O  ? F HOH .  ? B HOH 229 ? 1_555 BA ? D BA . ? B BA 101 ? 1_555 O  ? F HOH .  ? B HOH 248 ? 1_555 86.8  ? 
21 O  ? F HOH .  ? B HOH 245 ? 1_555 BA ? D BA . ? B BA 101 ? 1_555 O  ? F HOH .  ? B HOH 248 ? 1_555 59.2  ? 
22 O  ? E HOH .  ? A HOH 204 ? 1_555 BA ? D BA . ? B BA 101 ? 1_555 O  ? F HOH .  ? B HOH 251 ? 1_555 137.3 ? 
23 O4 ? B DT  9  ? B DT  21  ? 1_555 BA ? D BA . ? B BA 101 ? 1_555 O  ? F HOH .  ? B HOH 251 ? 1_555 79.5  ? 
24 O6 ? B DG  10 ? B DG  22  ? 1_555 BA ? D BA . ? B BA 101 ? 1_555 O  ? F HOH .  ? B HOH 251 ? 1_555 121.2 ? 
25 O  ? F HOH .  ? B HOH 229 ? 1_555 BA ? D BA . ? B BA 101 ? 1_555 O  ? F HOH .  ? B HOH 251 ? 1_555 45.1  ? 
26 O  ? F HOH .  ? B HOH 245 ? 1_555 BA ? D BA . ? B BA 101 ? 1_555 O  ? F HOH .  ? B HOH 251 ? 1_555 95.4  ? 
27 O  ? F HOH .  ? B HOH 248 ? 1_555 BA ? D BA . ? B BA 101 ? 1_555 O  ? F HOH .  ? B HOH 251 ? 1_555 44.8  ? 
# 
loop_
_struct_site.id 
_struct_site.pdbx_evidence_code 
_struct_site.pdbx_auth_asym_id 
_struct_site.pdbx_auth_comp_id 
_struct_site.pdbx_auth_seq_id 
_struct_site.pdbx_auth_ins_code 
_struct_site.pdbx_num_residues 
_struct_site.details 
AC1 Software A NA 101 ? 4 'BINDING SITE FOR RESIDUE NA A 101' 
AC2 Software B BA 101 ? 7 'BINDING SITE FOR RESIDUE BA B 101' 
# 
loop_
_struct_site_gen.id 
_struct_site_gen.site_id 
_struct_site_gen.pdbx_num_res 
_struct_site_gen.label_comp_id 
_struct_site_gen.label_asym_id 
_struct_site_gen.label_seq_id 
_struct_site_gen.pdbx_auth_ins_code 
_struct_site_gen.auth_comp_id 
_struct_site_gen.auth_asym_id 
_struct_site_gen.auth_seq_id 
_struct_site_gen.label_atom_id 
_struct_site_gen.label_alt_id 
_struct_site_gen.symmetry 
_struct_site_gen.details 
1  AC1 4 DT  A 9  ? DT  A 9   . ? 1_555 ? 
2  AC1 4 HOH E .  ? HOH A 203 . ? 1_555 ? 
3  AC1 4 HOH E .  ? HOH A 229 . ? 1_555 ? 
4  AC1 4 HOH F .  ? HOH B 235 . ? 1_555 ? 
5  AC2 7 HOH E .  ? HOH A 204 . ? 1_555 ? 
6  AC2 7 DT  B 9  ? DT  B 21  . ? 1_555 ? 
7  AC2 7 DG  B 10 ? DG  B 22  . ? 1_555 ? 
8  AC2 7 HOH F .  ? HOH B 229 . ? 1_555 ? 
9  AC2 7 HOH F .  ? HOH B 245 . ? 1_555 ? 
10 AC2 7 HOH F .  ? HOH B 246 . ? 1_555 ? 
11 AC2 7 HOH F .  ? HOH B 251 . ? 1_555 ? 
# 
loop_
_pdbx_validate_rmsd_bond.id 
_pdbx_validate_rmsd_bond.PDB_model_num 
_pdbx_validate_rmsd_bond.auth_atom_id_1 
_pdbx_validate_rmsd_bond.auth_asym_id_1 
_pdbx_validate_rmsd_bond.auth_comp_id_1 
_pdbx_validate_rmsd_bond.auth_seq_id_1 
_pdbx_validate_rmsd_bond.PDB_ins_code_1 
_pdbx_validate_rmsd_bond.label_alt_id_1 
_pdbx_validate_rmsd_bond.auth_atom_id_2 
_pdbx_validate_rmsd_bond.auth_asym_id_2 
_pdbx_validate_rmsd_bond.auth_comp_id_2 
_pdbx_validate_rmsd_bond.auth_seq_id_2 
_pdbx_validate_rmsd_bond.PDB_ins_code_2 
_pdbx_validate_rmsd_bond.label_alt_id_2 
_pdbx_validate_rmsd_bond.bond_value 
_pdbx_validate_rmsd_bond.bond_target_value 
_pdbx_validate_rmsd_bond.bond_deviation 
_pdbx_validate_rmsd_bond.bond_standard_deviation 
_pdbx_validate_rmsd_bond.linker_flag 
1 1 "O3'" A C6G 4  ? ? P     A DA 5  ? ? 1.748 1.607 0.141  0.012 Y 
2 1 C5    A DA  5  ? ? N7    A DA 5  ? ? 1.352 1.388 -0.036 0.006 N 
3 1 "O3'" B DG  22 ? ? "C3'" B DG 22 ? ? 1.376 1.419 -0.043 0.006 N 
# 
loop_
_pdbx_validate_rmsd_angle.id 
_pdbx_validate_rmsd_angle.PDB_model_num 
_pdbx_validate_rmsd_angle.auth_atom_id_1 
_pdbx_validate_rmsd_angle.auth_asym_id_1 
_pdbx_validate_rmsd_angle.auth_comp_id_1 
_pdbx_validate_rmsd_angle.auth_seq_id_1 
_pdbx_validate_rmsd_angle.PDB_ins_code_1 
_pdbx_validate_rmsd_angle.label_alt_id_1 
_pdbx_validate_rmsd_angle.auth_atom_id_2 
_pdbx_validate_rmsd_angle.auth_asym_id_2 
_pdbx_validate_rmsd_angle.auth_comp_id_2 
_pdbx_validate_rmsd_angle.auth_seq_id_2 
_pdbx_validate_rmsd_angle.PDB_ins_code_2 
_pdbx_validate_rmsd_angle.label_alt_id_2 
_pdbx_validate_rmsd_angle.auth_atom_id_3 
_pdbx_validate_rmsd_angle.auth_asym_id_3 
_pdbx_validate_rmsd_angle.auth_comp_id_3 
_pdbx_validate_rmsd_angle.auth_seq_id_3 
_pdbx_validate_rmsd_angle.PDB_ins_code_3 
_pdbx_validate_rmsd_angle.label_alt_id_3 
_pdbx_validate_rmsd_angle.angle_value 
_pdbx_validate_rmsd_angle.angle_target_value 
_pdbx_validate_rmsd_angle.angle_deviation 
_pdbx_validate_rmsd_angle.angle_standard_deviation 
_pdbx_validate_rmsd_angle.linker_flag 
1  1 N1    A DA  6  ? ? C6    A DA  6  ? ? N6    A DA 6  ? ? 114.00 118.60 -4.60 0.60 N 
2  1 "O4'" A DG  10 ? ? "C4'" A DG  10 ? ? "C3'" A DG 10 ? ? 101.10 104.50 -3.40 0.40 N 
3  1 "C3'" A DG  10 ? ? "C2'" A DG  10 ? ? "C1'" A DG 10 ? ? 94.67  102.40 -7.73 0.80 N 
4  1 C5    A DG  10 ? ? C6    A DG  10 ? ? N1    A DG 10 ? ? 115.01 111.50 3.51  0.50 N 
5  1 "O4'" B DC  13 ? ? "C4'" B DC  13 ? ? "C3'" B DC 13 ? ? 101.83 104.50 -2.67 0.40 N 
6  1 "C3'" B C6G 16 ? ? "O3'" B C6G 16 ? ? P     B DA 17 ? ? 130.75 119.70 11.05 1.20 Y 
7  1 "C3'" B DG  22 ? ? "C2'" B DG  22 ? ? "C1'" B DG 22 ? ? 96.48  102.40 -5.92 0.80 N 
8  1 "O4'" B DG  22 ? ? "C1'" B DG  22 ? ? N9    B DG 22 ? ? 110.94 108.30 2.64  0.30 N 
9  1 C2    B DG  22 ? ? N3    B DG  22 ? ? C4    B DG 22 ? ? 115.30 111.90 3.40  0.50 N 
10 1 N1    B DG  22 ? ? C6    B DG  22 ? ? O6    B DG 22 ? ? 116.19 119.90 -3.71 0.60 N 
11 1 "O4'" B DC  23 ? ? "C1'" B DC  23 ? ? N1    B DC 23 ? ? 110.32 108.30 2.02  0.30 N 
12 1 "O4'" B DG  24 ? ? "C1'" B DG  24 ? ? N9    B DG 24 ? ? 110.15 108.30 1.85  0.30 N 
# 
loop_
_pdbx_struct_mod_residue.id 
_pdbx_struct_mod_residue.label_asym_id 
_pdbx_struct_mod_residue.label_comp_id 
_pdbx_struct_mod_residue.label_seq_id 
_pdbx_struct_mod_residue.auth_asym_id 
_pdbx_struct_mod_residue.auth_comp_id 
_pdbx_struct_mod_residue.auth_seq_id 
_pdbx_struct_mod_residue.PDB_ins_code 
_pdbx_struct_mod_residue.parent_comp_id 
_pdbx_struct_mod_residue.details 
1 A C6G 4 A C6G 4  ? DG ? 
2 B C6G 4 B C6G 16 ? DG ? 
# 
_phasing.method   MR 
# 
loop_
_chem_comp_atom.comp_id 
_chem_comp_atom.atom_id 
_chem_comp_atom.type_symbol 
_chem_comp_atom.pdbx_aromatic_flag 
_chem_comp_atom.pdbx_stereo_config 
_chem_comp_atom.pdbx_ordinal 
BA  BA     BA N N 1   
C6G P      P  N N 2   
C6G OP1    O  N N 3   
C6G OP2    O  N N 4   
C6G "O5'"  O  N N 5   
C6G "C5'"  C  N N 6   
C6G "C4'"  C  N R 7   
C6G "O4'"  O  N N 8   
C6G "C1'"  C  N R 9   
C6G N9     N  Y N 10  
C6G C8     C  Y N 11  
C6G N7     N  Y N 12  
C6G C5     C  Y N 13  
C6G C4     C  Y N 14  
C6G N3     N  Y N 15  
C6G C2     C  Y N 16  
C6G N2     N  N N 17  
C6G N1     N  Y N 18  
C6G C6     C  Y N 19  
C6G O6     O  N N 20  
C6G "C2'"  C  N N 21  
C6G "C3'"  C  N S 22  
C6G "O3'"  O  N N 23  
C6G C      C  N N 24  
C6G O      O  N N 25  
C6G O7     O  N N 26  
C6G CH3    C  N N 27  
C6G HOP2   H  N N 28  
C6G "H5'"  H  N N 29  
C6G "H5''" H  N N 30  
C6G "H4'"  H  N N 31  
C6G "H1'"  H  N N 32  
C6G H8     H  N N 33  
C6G H21    H  N N 34  
C6G H22    H  N N 35  
C6G "H2'"  H  N N 36  
C6G "H2''" H  N N 37  
C6G "H3'"  H  N N 38  
C6G "HO3'" H  N N 39  
C6G HO7    H  N N 40  
C6G H31    H  N N 41  
C6G H32    H  N N 42  
C6G OP3    O  N N 43  
C6G HOP3   H  N N 44  
DA  OP3    O  N N 45  
DA  P      P  N N 46  
DA  OP1    O  N N 47  
DA  OP2    O  N N 48  
DA  "O5'"  O  N N 49  
DA  "C5'"  C  N N 50  
DA  "C4'"  C  N R 51  
DA  "O4'"  O  N N 52  
DA  "C3'"  C  N S 53  
DA  "O3'"  O  N N 54  
DA  "C2'"  C  N N 55  
DA  "C1'"  C  N R 56  
DA  N9     N  Y N 57  
DA  C8     C  Y N 58  
DA  N7     N  Y N 59  
DA  C5     C  Y N 60  
DA  C6     C  Y N 61  
DA  N6     N  N N 62  
DA  N1     N  Y N 63  
DA  C2     C  Y N 64  
DA  N3     N  Y N 65  
DA  C4     C  Y N 66  
DA  HOP3   H  N N 67  
DA  HOP2   H  N N 68  
DA  "H5'"  H  N N 69  
DA  "H5''" H  N N 70  
DA  "H4'"  H  N N 71  
DA  "H3'"  H  N N 72  
DA  "HO3'" H  N N 73  
DA  "H2'"  H  N N 74  
DA  "H2''" H  N N 75  
DA  "H1'"  H  N N 76  
DA  H8     H  N N 77  
DA  H61    H  N N 78  
DA  H62    H  N N 79  
DA  H2     H  N N 80  
DC  OP3    O  N N 81  
DC  P      P  N N 82  
DC  OP1    O  N N 83  
DC  OP2    O  N N 84  
DC  "O5'"  O  N N 85  
DC  "C5'"  C  N N 86  
DC  "C4'"  C  N R 87  
DC  "O4'"  O  N N 88  
DC  "C3'"  C  N S 89  
DC  "O3'"  O  N N 90  
DC  "C2'"  C  N N 91  
DC  "C1'"  C  N R 92  
DC  N1     N  N N 93  
DC  C2     C  N N 94  
DC  O2     O  N N 95  
DC  N3     N  N N 96  
DC  C4     C  N N 97  
DC  N4     N  N N 98  
DC  C5     C  N N 99  
DC  C6     C  N N 100 
DC  HOP3   H  N N 101 
DC  HOP2   H  N N 102 
DC  "H5'"  H  N N 103 
DC  "H5''" H  N N 104 
DC  "H4'"  H  N N 105 
DC  "H3'"  H  N N 106 
DC  "HO3'" H  N N 107 
DC  "H2'"  H  N N 108 
DC  "H2''" H  N N 109 
DC  "H1'"  H  N N 110 
DC  H41    H  N N 111 
DC  H42    H  N N 112 
DC  H5     H  N N 113 
DC  H6     H  N N 114 
DG  OP3    O  N N 115 
DG  P      P  N N 116 
DG  OP1    O  N N 117 
DG  OP2    O  N N 118 
DG  "O5'"  O  N N 119 
DG  "C5'"  C  N N 120 
DG  "C4'"  C  N R 121 
DG  "O4'"  O  N N 122 
DG  "C3'"  C  N S 123 
DG  "O3'"  O  N N 124 
DG  "C2'"  C  N N 125 
DG  "C1'"  C  N R 126 
DG  N9     N  Y N 127 
DG  C8     C  Y N 128 
DG  N7     N  Y N 129 
DG  C5     C  Y N 130 
DG  C6     C  N N 131 
DG  O6     O  N N 132 
DG  N1     N  N N 133 
DG  C2     C  N N 134 
DG  N2     N  N N 135 
DG  N3     N  N N 136 
DG  C4     C  Y N 137 
DG  HOP3   H  N N 138 
DG  HOP2   H  N N 139 
DG  "H5'"  H  N N 140 
DG  "H5''" H  N N 141 
DG  "H4'"  H  N N 142 
DG  "H3'"  H  N N 143 
DG  "HO3'" H  N N 144 
DG  "H2'"  H  N N 145 
DG  "H2''" H  N N 146 
DG  "H1'"  H  N N 147 
DG  H8     H  N N 148 
DG  H1     H  N N 149 
DG  H21    H  N N 150 
DG  H22    H  N N 151 
DT  OP3    O  N N 152 
DT  P      P  N N 153 
DT  OP1    O  N N 154 
DT  OP2    O  N N 155 
DT  "O5'"  O  N N 156 
DT  "C5'"  C  N N 157 
DT  "C4'"  C  N R 158 
DT  "O4'"  O  N N 159 
DT  "C3'"  C  N S 160 
DT  "O3'"  O  N N 161 
DT  "C2'"  C  N N 162 
DT  "C1'"  C  N R 163 
DT  N1     N  N N 164 
DT  C2     C  N N 165 
DT  O2     O  N N 166 
DT  N3     N  N N 167 
DT  C4     C  N N 168 
DT  O4     O  N N 169 
DT  C5     C  N N 170 
DT  C7     C  N N 171 
DT  C6     C  N N 172 
DT  HOP3   H  N N 173 
DT  HOP2   H  N N 174 
DT  "H5'"  H  N N 175 
DT  "H5''" H  N N 176 
DT  "H4'"  H  N N 177 
DT  "H3'"  H  N N 178 
DT  "HO3'" H  N N 179 
DT  "H2'"  H  N N 180 
DT  "H2''" H  N N 181 
DT  "H1'"  H  N N 182 
DT  H3     H  N N 183 
DT  H71    H  N N 184 
DT  H72    H  N N 185 
DT  H73    H  N N 186 
DT  H6     H  N N 187 
HOH O      O  N N 188 
HOH H1     H  N N 189 
HOH H2     H  N N 190 
NA  NA     NA N N 191 
# 
loop_
_chem_comp_bond.comp_id 
_chem_comp_bond.atom_id_1 
_chem_comp_bond.atom_id_2 
_chem_comp_bond.value_order 
_chem_comp_bond.pdbx_aromatic_flag 
_chem_comp_bond.pdbx_stereo_config 
_chem_comp_bond.pdbx_ordinal 
C6G OP1   P      doub N N 1   
C6G P     OP2    sing N N 2   
C6G P     "O5'"  sing N N 3   
C6G O     C      doub N N 4   
C6G C     O7     sing N N 5   
C6G C     CH3    sing N N 6   
C6G "O5'" "C5'"  sing N N 7   
C6G "C5'" "C4'"  sing N N 8   
C6G N7    C8     doub Y N 9   
C6G N7    C5     sing Y N 10  
C6G C8    N9     sing Y N 11  
C6G O6    CH3    sing N N 12  
C6G O6    C6     sing N N 13  
C6G "C2'" "C3'"  sing N N 14  
C6G "C2'" "C1'"  sing N N 15  
C6G C5    C6     doub Y N 16  
C6G C5    C4     sing Y N 17  
C6G C6    N1     sing Y N 18  
C6G N9    C4     sing Y N 19  
C6G N9    "C1'"  sing N N 20  
C6G "C3'" "C4'"  sing N N 21  
C6G "C3'" "O3'"  sing N N 22  
C6G C4    N3     doub Y N 23  
C6G "C4'" "O4'"  sing N N 24  
C6G N1    C2     doub Y N 25  
C6G "C1'" "O4'"  sing N N 26  
C6G N3    C2     sing Y N 27  
C6G C2    N2     sing N N 28  
C6G OP2   HOP2   sing N N 29  
C6G "C5'" "H5'"  sing N N 30  
C6G "C5'" "H5''" sing N N 31  
C6G "C4'" "H4'"  sing N N 32  
C6G "C1'" "H1'"  sing N N 33  
C6G C8    H8     sing N N 34  
C6G N2    H21    sing N N 35  
C6G N2    H22    sing N N 36  
C6G "C2'" "H2'"  sing N N 37  
C6G "C2'" "H2''" sing N N 38  
C6G "C3'" "H3'"  sing N N 39  
C6G "O3'" "HO3'" sing N N 40  
C6G O7    HO7    sing N N 41  
C6G CH3   H31    sing N N 42  
C6G CH3   H32    sing N N 43  
C6G P     OP3    sing N N 44  
C6G OP3   HOP3   sing N N 45  
DA  OP3   P      sing N N 46  
DA  OP3   HOP3   sing N N 47  
DA  P     OP1    doub N N 48  
DA  P     OP2    sing N N 49  
DA  P     "O5'"  sing N N 50  
DA  OP2   HOP2   sing N N 51  
DA  "O5'" "C5'"  sing N N 52  
DA  "C5'" "C4'"  sing N N 53  
DA  "C5'" "H5'"  sing N N 54  
DA  "C5'" "H5''" sing N N 55  
DA  "C4'" "O4'"  sing N N 56  
DA  "C4'" "C3'"  sing N N 57  
DA  "C4'" "H4'"  sing N N 58  
DA  "O4'" "C1'"  sing N N 59  
DA  "C3'" "O3'"  sing N N 60  
DA  "C3'" "C2'"  sing N N 61  
DA  "C3'" "H3'"  sing N N 62  
DA  "O3'" "HO3'" sing N N 63  
DA  "C2'" "C1'"  sing N N 64  
DA  "C2'" "H2'"  sing N N 65  
DA  "C2'" "H2''" sing N N 66  
DA  "C1'" N9     sing N N 67  
DA  "C1'" "H1'"  sing N N 68  
DA  N9    C8     sing Y N 69  
DA  N9    C4     sing Y N 70  
DA  C8    N7     doub Y N 71  
DA  C8    H8     sing N N 72  
DA  N7    C5     sing Y N 73  
DA  C5    C6     sing Y N 74  
DA  C5    C4     doub Y N 75  
DA  C6    N6     sing N N 76  
DA  C6    N1     doub Y N 77  
DA  N6    H61    sing N N 78  
DA  N6    H62    sing N N 79  
DA  N1    C2     sing Y N 80  
DA  C2    N3     doub Y N 81  
DA  C2    H2     sing N N 82  
DA  N3    C4     sing Y N 83  
DC  OP3   P      sing N N 84  
DC  OP3   HOP3   sing N N 85  
DC  P     OP1    doub N N 86  
DC  P     OP2    sing N N 87  
DC  P     "O5'"  sing N N 88  
DC  OP2   HOP2   sing N N 89  
DC  "O5'" "C5'"  sing N N 90  
DC  "C5'" "C4'"  sing N N 91  
DC  "C5'" "H5'"  sing N N 92  
DC  "C5'" "H5''" sing N N 93  
DC  "C4'" "O4'"  sing N N 94  
DC  "C4'" "C3'"  sing N N 95  
DC  "C4'" "H4'"  sing N N 96  
DC  "O4'" "C1'"  sing N N 97  
DC  "C3'" "O3'"  sing N N 98  
DC  "C3'" "C2'"  sing N N 99  
DC  "C3'" "H3'"  sing N N 100 
DC  "O3'" "HO3'" sing N N 101 
DC  "C2'" "C1'"  sing N N 102 
DC  "C2'" "H2'"  sing N N 103 
DC  "C2'" "H2''" sing N N 104 
DC  "C1'" N1     sing N N 105 
DC  "C1'" "H1'"  sing N N 106 
DC  N1    C2     sing N N 107 
DC  N1    C6     sing N N 108 
DC  C2    O2     doub N N 109 
DC  C2    N3     sing N N 110 
DC  N3    C4     doub N N 111 
DC  C4    N4     sing N N 112 
DC  C4    C5     sing N N 113 
DC  N4    H41    sing N N 114 
DC  N4    H42    sing N N 115 
DC  C5    C6     doub N N 116 
DC  C5    H5     sing N N 117 
DC  C6    H6     sing N N 118 
DG  OP3   P      sing N N 119 
DG  OP3   HOP3   sing N N 120 
DG  P     OP1    doub N N 121 
DG  P     OP2    sing N N 122 
DG  P     "O5'"  sing N N 123 
DG  OP2   HOP2   sing N N 124 
DG  "O5'" "C5'"  sing N N 125 
DG  "C5'" "C4'"  sing N N 126 
DG  "C5'" "H5'"  sing N N 127 
DG  "C5'" "H5''" sing N N 128 
DG  "C4'" "O4'"  sing N N 129 
DG  "C4'" "C3'"  sing N N 130 
DG  "C4'" "H4'"  sing N N 131 
DG  "O4'" "C1'"  sing N N 132 
DG  "C3'" "O3'"  sing N N 133 
DG  "C3'" "C2'"  sing N N 134 
DG  "C3'" "H3'"  sing N N 135 
DG  "O3'" "HO3'" sing N N 136 
DG  "C2'" "C1'"  sing N N 137 
DG  "C2'" "H2'"  sing N N 138 
DG  "C2'" "H2''" sing N N 139 
DG  "C1'" N9     sing N N 140 
DG  "C1'" "H1'"  sing N N 141 
DG  N9    C8     sing Y N 142 
DG  N9    C4     sing Y N 143 
DG  C8    N7     doub Y N 144 
DG  C8    H8     sing N N 145 
DG  N7    C5     sing Y N 146 
DG  C5    C6     sing N N 147 
DG  C5    C4     doub Y N 148 
DG  C6    O6     doub N N 149 
DG  C6    N1     sing N N 150 
DG  N1    C2     sing N N 151 
DG  N1    H1     sing N N 152 
DG  C2    N2     sing N N 153 
DG  C2    N3     doub N N 154 
DG  N2    H21    sing N N 155 
DG  N2    H22    sing N N 156 
DG  N3    C4     sing N N 157 
DT  OP3   P      sing N N 158 
DT  OP3   HOP3   sing N N 159 
DT  P     OP1    doub N N 160 
DT  P     OP2    sing N N 161 
DT  P     "O5'"  sing N N 162 
DT  OP2   HOP2   sing N N 163 
DT  "O5'" "C5'"  sing N N 164 
DT  "C5'" "C4'"  sing N N 165 
DT  "C5'" "H5'"  sing N N 166 
DT  "C5'" "H5''" sing N N 167 
DT  "C4'" "O4'"  sing N N 168 
DT  "C4'" "C3'"  sing N N 169 
DT  "C4'" "H4'"  sing N N 170 
DT  "O4'" "C1'"  sing N N 171 
DT  "C3'" "O3'"  sing N N 172 
DT  "C3'" "C2'"  sing N N 173 
DT  "C3'" "H3'"  sing N N 174 
DT  "O3'" "HO3'" sing N N 175 
DT  "C2'" "C1'"  sing N N 176 
DT  "C2'" "H2'"  sing N N 177 
DT  "C2'" "H2''" sing N N 178 
DT  "C1'" N1     sing N N 179 
DT  "C1'" "H1'"  sing N N 180 
DT  N1    C2     sing N N 181 
DT  N1    C6     sing N N 182 
DT  C2    O2     doub N N 183 
DT  C2    N3     sing N N 184 
DT  N3    C4     sing N N 185 
DT  N3    H3     sing N N 186 
DT  C4    O4     doub N N 187 
DT  C4    C5     sing N N 188 
DT  C5    C7     sing N N 189 
DT  C5    C6     doub N N 190 
DT  C7    H71    sing N N 191 
DT  C7    H72    sing N N 192 
DT  C7    H73    sing N N 193 
DT  C6    H6     sing N N 194 
HOH O     H1     sing N N 195 
HOH O     H2     sing N N 196 
# 
loop_
_ndb_struct_conf_na.entry_id 
_ndb_struct_conf_na.feature 
4O5Z 'double helix'         
4O5Z 'b-form double helix'  
4O5Z 'mismatched base pair' 
# 
loop_
_ndb_struct_na_base_pair.model_number 
_ndb_struct_na_base_pair.i_label_asym_id 
_ndb_struct_na_base_pair.i_label_comp_id 
_ndb_struct_na_base_pair.i_label_seq_id 
_ndb_struct_na_base_pair.i_symmetry 
_ndb_struct_na_base_pair.j_label_asym_id 
_ndb_struct_na_base_pair.j_label_comp_id 
_ndb_struct_na_base_pair.j_label_seq_id 
_ndb_struct_na_base_pair.j_symmetry 
_ndb_struct_na_base_pair.shear 
_ndb_struct_na_base_pair.stretch 
_ndb_struct_na_base_pair.stagger 
_ndb_struct_na_base_pair.buckle 
_ndb_struct_na_base_pair.propeller 
_ndb_struct_na_base_pair.opening 
_ndb_struct_na_base_pair.pair_number 
_ndb_struct_na_base_pair.pair_name 
_ndb_struct_na_base_pair.i_auth_asym_id 
_ndb_struct_na_base_pair.i_auth_seq_id 
_ndb_struct_na_base_pair.i_PDB_ins_code 
_ndb_struct_na_base_pair.j_auth_asym_id 
_ndb_struct_na_base_pair.j_auth_seq_id 
_ndb_struct_na_base_pair.j_PDB_ins_code 
_ndb_struct_na_base_pair.hbond_type_28 
_ndb_struct_na_base_pair.hbond_type_12 
1 A DC 1  1_555 B DG 12 1_555 0.204  -0.238 0.159  0.238  -10.893 0.098  1  A_DC1:DG24_B  A 1  ? B 24 ? 19 1 
1 A DG 2  1_555 B DC 11 1_555 -0.047 -0.173 0.201  -3.968 -12.708 -4.087 2  A_DG2:DC23_B  A 2  ? B 23 ? 19 1 
1 A DC 3  1_555 B DG 10 1_555 0.086  -0.112 0.100  -2.001 1.965   3.124  3  A_DC3:DG22_B  A 3  ? B 22 ? 19 1 
1 A DA 5  1_555 B DT 8  1_555 -0.045 -0.142 -0.106 7.209  -24.870 0.204  4  A_DA5:DT20_B  A 5  ? B 20 ? 20 1 
1 A DA 6  1_555 B DT 7  1_555 0.041  -0.237 0.254  2.447  -17.446 3.195  5  A_DA6:DT19_B  A 6  ? B 19 ? 20 1 
1 A DT 7  1_555 B DA 6  1_555 0.127  -0.136 0.141  1.036  -17.711 4.771  6  A_DT7:DA18_B  A 7  ? B 18 ? 20 1 
1 A DT 8  1_555 B DA 5  1_555 -0.110 -0.148 -0.018 -5.208 -18.731 2.789  7  A_DT8:DA17_B  A 8  ? B 17 ? 20 1 
1 A DG 10 1_555 B DC 3  1_555 -0.271 -0.232 -0.055 0.696  1.078   0.748  8  A_DG10:DC15_B A 10 ? B 15 ? 19 1 
1 A DC 11 1_555 B DG 2  1_555 0.232  -0.293 0.235  3.831  -13.820 -3.014 9  A_DC11:DG14_B A 11 ? B 14 ? 19 1 
1 A DG 12 1_555 B DC 1  1_555 -0.174 -0.204 0.212  4.290  -9.373  -1.069 10 A_DG12:DC13_B A 12 ? B 13 ? 19 1 
# 
loop_
_ndb_struct_na_base_pair_step.model_number 
_ndb_struct_na_base_pair_step.i_label_asym_id_1 
_ndb_struct_na_base_pair_step.i_label_comp_id_1 
_ndb_struct_na_base_pair_step.i_label_seq_id_1 
_ndb_struct_na_base_pair_step.i_symmetry_1 
_ndb_struct_na_base_pair_step.j_label_asym_id_1 
_ndb_struct_na_base_pair_step.j_label_comp_id_1 
_ndb_struct_na_base_pair_step.j_label_seq_id_1 
_ndb_struct_na_base_pair_step.j_symmetry_1 
_ndb_struct_na_base_pair_step.i_label_asym_id_2 
_ndb_struct_na_base_pair_step.i_label_comp_id_2 
_ndb_struct_na_base_pair_step.i_label_seq_id_2 
_ndb_struct_na_base_pair_step.i_symmetry_2 
_ndb_struct_na_base_pair_step.j_label_asym_id_2 
_ndb_struct_na_base_pair_step.j_label_comp_id_2 
_ndb_struct_na_base_pair_step.j_label_seq_id_2 
_ndb_struct_na_base_pair_step.j_symmetry_2 
_ndb_struct_na_base_pair_step.shift 
_ndb_struct_na_base_pair_step.slide 
_ndb_struct_na_base_pair_step.rise 
_ndb_struct_na_base_pair_step.tilt 
_ndb_struct_na_base_pair_step.roll 
_ndb_struct_na_base_pair_step.twist 
_ndb_struct_na_base_pair_step.x_displacement 
_ndb_struct_na_base_pair_step.y_displacement 
_ndb_struct_na_base_pair_step.helical_rise 
_ndb_struct_na_base_pair_step.inclination 
_ndb_struct_na_base_pair_step.tip 
_ndb_struct_na_base_pair_step.helical_twist 
_ndb_struct_na_base_pair_step.step_number 
_ndb_struct_na_base_pair_step.step_name 
_ndb_struct_na_base_pair_step.i_auth_asym_id_1 
_ndb_struct_na_base_pair_step.i_auth_seq_id_1 
_ndb_struct_na_base_pair_step.i_PDB_ins_code_1 
_ndb_struct_na_base_pair_step.j_auth_asym_id_1 
_ndb_struct_na_base_pair_step.j_auth_seq_id_1 
_ndb_struct_na_base_pair_step.j_PDB_ins_code_1 
_ndb_struct_na_base_pair_step.i_auth_asym_id_2 
_ndb_struct_na_base_pair_step.i_auth_seq_id_2 
_ndb_struct_na_base_pair_step.i_PDB_ins_code_2 
_ndb_struct_na_base_pair_step.j_auth_asym_id_2 
_ndb_struct_na_base_pair_step.j_auth_seq_id_2 
_ndb_struct_na_base_pair_step.j_PDB_ins_code_2 
1 A DC 1  1_555 B DG 12 1_555 A DG 2  1_555 B DC 11 1_555 -0.282 0.383  3.465 -0.378 -1.066 38.935 0.711  0.375  3.456 -1.599  
0.568  38.951 1 AA_DC1DG2:DC23DG24_BB   A 1  ? B 24 ? A 2  ? B 23 ? 
1 A DG 2  1_555 B DC 11 1_555 A DC 3  1_555 B DG 10 1_555 1.110  0.497  3.379 1.234  -3.937 37.263 1.305  -1.561 3.345 -6.138  
-1.924 37.482 2 AA_DG2DC3:DG22DC23_BB   A 2  ? B 23 ? A 3  ? B 22 ? 
1 A DC 3  1_555 B DG 10 1_555 A DA 5  1_555 B DT 8  1_555 -0.459 0.413  6.494 2.895  7.121  61.677 -0.252 0.710  6.477 6.917   
-2.812 62.107 3 AA_DC3DA5:DT20DG22_BB   A 3  ? B 22 ? A 5  ? B 20 ? 
1 A DA 5  1_555 B DT 8  1_555 A DA 6  1_555 B DT 7  1_555 0.224  -0.100 3.218 -3.902 -1.141 40.941 -0.022 -0.733 3.185 -1.626  
5.562  41.134 4 AA_DA5DA6:DT19DT20_BB   A 5  ? B 20 ? A 6  ? B 19 ? 
1 A DA 6  1_555 B DT 7  1_555 A DT 7  1_555 B DA 6  1_555 0.055  -0.596 3.272 0.781  0.953  31.820 -1.260 0.042  3.254 1.738   
-1.423 31.843 5 AA_DA6DT7:DA18DT19_BB   A 6  ? B 19 ? A 7  ? B 18 ? 
1 A DT 7  1_555 B DA 6  1_555 A DT 8  1_555 B DA 5  1_555 -0.219 -0.146 3.333 1.834  -1.266 37.014 -0.057 0.595  3.322 -1.992  
-2.885 37.079 6 AA_DT7DT8:DA17DA18_BB   A 7  ? B 18 ? A 8  ? B 17 ? 
1 A DT 8  1_555 B DA 5  1_555 A DG 10 1_555 B DC 3  1_555 -0.112 0.392  6.528 -1.789 0.790  66.244 0.296  -0.041 6.532 0.723   
1.637  66.269 7 AA_DT8DG10:DC15DA17_BB  A 8  ? B 17 ? A 10 ? B 15 ? 
1 A DG 10 1_555 B DC 3  1_555 A DC 11 1_555 B DG 2  1_555 -1.090 0.724  3.321 -3.907 -8.235 43.065 1.754  1.083  3.219 -11.070 
5.253  43.974 8 AA_DG10DC11:DG14DC15_BB A 10 ? B 15 ? A 11 ? B 14 ? 
1 A DC 11 1_555 B DG 2  1_555 A DG 12 1_555 B DC 1  1_555 0.410  0.510  3.319 1.781  1.432  35.900 0.618  -0.405 3.352 2.320   
-2.885 35.971 9 AA_DC11DG12:DC13DG14_BB A 11 ? B 14 ? A 12 ? B 13 ? 
# 
_atom_sites.entry_id                    4O5Z 
_atom_sites.fract_transf_matrix[1][1]   -0.01863796 
_atom_sites.fract_transf_matrix[1][2]   0.03336795 
_atom_sites.fract_transf_matrix[1][3]   0.00574707 
_atom_sites.fract_transf_matrix[2][1]   -0.02097463 
_atom_sites.fract_transf_matrix[2][2]   -0.01133011 
_atom_sites.fract_transf_matrix[2][3]   -0.00223801 
_atom_sites.fract_transf_matrix[3][1]   -0.00015994 
_atom_sites.fract_transf_matrix[3][2]   -0.00271373 
_atom_sites.fract_transf_matrix[3][3]   0.01523741 
_atom_sites.fract_transf_vector[1]      -0.073360 
_atom_sites.fract_transf_vector[2]      -0.024764 
_atom_sites.fract_transf_vector[3]      0.111717 
# 
loop_
_atom_type.symbol 
BA 
C  
N  
NA 
O  
P  
# 
loop_
_atom_site.group_PDB 
_atom_site.id 
_atom_site.type_symbol 
_atom_site.label_atom_id 
_atom_site.label_alt_id 
_atom_site.label_comp_id 
_atom_site.label_asym_id 
_atom_site.label_entity_id 
_atom_site.label_seq_id 
_atom_site.pdbx_PDB_ins_code 
_atom_site.Cartn_x 
_atom_site.Cartn_y 
_atom_site.Cartn_z 
_atom_site.occupancy 
_atom_site.B_iso_or_equiv 
_atom_site.pdbx_formal_charge 
_atom_site.auth_seq_id 
_atom_site.auth_comp_id 
_atom_site.auth_asym_id 
_atom_site.auth_atom_id 
_atom_site.pdbx_PDB_model_num 
ATOM   1   O  "O5'" . DC  A 1 1  ? 14.928  -0.660  15.996  1.00 54.88  ? 1   DC  A "O5'" 1 
ATOM   2   C  "C5'" . DC  A 1 1  ? 13.800  -0.965  16.846  1.00 47.62  ? 1   DC  A "C5'" 1 
ATOM   3   C  "C4'" . DC  A 1 1  ? 13.022  -2.072  16.152  1.00 41.98  ? 1   DC  A "C4'" 1 
ATOM   4   O  "O4'" . DC  A 1 1  ? 11.717  -2.011  16.691  1.00 40.88  ? 1   DC  A "O4'" 1 
ATOM   5   C  "C3'" . DC  A 1 1  ? 12.766  -1.899  14.672  1.00 43.49  ? 1   DC  A "C3'" 1 
ATOM   6   O  "O3'" . DC  A 1 1  ? 12.884  -3.178  14.092  1.00 48.45  ? 1   DC  A "O3'" 1 
ATOM   7   C  "C2'" . DC  A 1 1  ? 11.379  -1.307  14.526  1.00 37.63  ? 1   DC  A "C2'" 1 
ATOM   8   C  "C1'" . DC  A 1 1  ? 10.743  -1.990  15.690  1.00 34.62  ? 1   DC  A "C1'" 1 
ATOM   9   N  N1    . DC  A 1 1  ? 9.520   -1.352  16.198  1.00 34.72  ? 1   DC  A N1    1 
ATOM   10  C  C2    . DC  A 1 1  ? 8.399   -2.134  16.567  1.00 29.78  ? 1   DC  A C2    1 
ATOM   11  O  O2    . DC  A 1 1  ? 8.456   -3.337  16.447  1.00 28.66  ? 1   DC  A O2    1 
ATOM   12  N  N3    . DC  A 1 1  ? 7.301   -1.526  17.025  1.00 32.79  ? 1   DC  A N3    1 
ATOM   13  C  C4    . DC  A 1 1  ? 7.247   -0.203  17.109  1.00 32.97  ? 1   DC  A C4    1 
ATOM   14  N  N4    . DC  A 1 1  ? 6.121   0.350   17.576  1.00 31.97  ? 1   DC  A N4    1 
ATOM   15  C  C5    . DC  A 1 1  ? 8.367   0.588   16.755  1.00 34.84  ? 1   DC  A C5    1 
ATOM   16  C  C6    . DC  A 1 1  ? 9.462   0.001   16.314  1.00 35.70  ? 1   DC  A C6    1 
ATOM   17  P  P     . DG  A 1 2  ? 13.145  -3.363  12.518  1.00 49.92  ? 2   DG  A P     1 
ATOM   18  O  OP1   . DG  A 1 2  ? 14.574  -3.714  12.398  1.00 50.71  ? 2   DG  A OP1   1 
ATOM   19  O  OP2   . DG  A 1 2  ? 12.557  -2.265  11.687  1.00 48.35  ? 2   DG  A OP2   1 
ATOM   20  O  "O5'" . DG  A 1 2  ? 12.270  -4.676  12.245  1.00 45.79  ? 2   DG  A "O5'" 1 
ATOM   21  C  "C5'" . DG  A 1 2  ? 12.114  -5.656  13.216  1.00 41.11  ? 2   DG  A "C5'" 1 
ATOM   22  C  "C4'" . DG  A 1 2  ? 10.869  -6.415  12.949  1.00 38.84  ? 2   DG  A "C4'" 1 
ATOM   23  O  "O4'" . DG  A 1 2  ? 9.788   -5.676  13.526  1.00 38.09  ? 2   DG  A "O4'" 1 
ATOM   24  C  "C3'" . DG  A 1 2  ? 10.535  -6.554  11.451  1.00 40.54  ? 2   DG  A "C3'" 1 
ATOM   25  O  "O3'" . DG  A 1 2  ? 10.215  -7.877  11.102  1.00 40.83  ? 2   DG  A "O3'" 1 
ATOM   26  C  "C2'" . DG  A 1 2  ? 9.372   -5.617  11.166  1.00 35.73  ? 2   DG  A "C2'" 1 
ATOM   27  C  "C1'" . DG  A 1 2  ? 8.738   -5.550  12.568  1.00 35.25  ? 2   DG  A "C1'" 1 
ATOM   28  N  N9    . DG  A 1 2  ? 8.166   -4.241  12.817  1.00 32.74  ? 2   DG  A N9    1 
ATOM   29  C  C8    . DG  A 1 2  ? 8.734   -3.035  12.562  1.00 30.34  ? 2   DG  A C8    1 
ATOM   30  N  N7    . DG  A 1 2  ? 7.975   -2.038  12.888  1.00 29.08  ? 2   DG  A N7    1 
ATOM   31  C  C5    . DG  A 1 2  ? 6.818   -2.612  13.383  1.00 29.39  ? 2   DG  A C5    1 
ATOM   32  C  C6    . DG  A 1 2  ? 5.626   -2.032  13.832  1.00 27.33  ? 2   DG  A C6    1 
ATOM   33  O  O6    . DG  A 1 2  ? 5.378   -0.831  13.961  1.00 27.53  ? 2   DG  A O6    1 
ATOM   34  N  N1    . DG  A 1 2  ? 4.703   -3.005  14.196  1.00 29.17  ? 2   DG  A N1    1 
ATOM   35  C  C2    . DG  A 1 2  ? 4.888   -4.361  14.118  1.00 28.78  ? 2   DG  A C2    1 
ATOM   36  N  N2    . DG  A 1 2  ? 3.899   -5.154  14.504  1.00 28.39  ? 2   DG  A N2    1 
ATOM   37  N  N3    . DG  A 1 2  ? 6.014   -4.910  13.660  1.00 29.85  ? 2   DG  A N3    1 
ATOM   38  C  C4    . DG  A 1 2  ? 6.922   -3.982  13.325  1.00 28.37  ? 2   DG  A C4    1 
ATOM   39  P  P     . DC  A 1 3  ? 10.110  -8.318  9.555   1.00 42.22  ? 3   DC  A P     1 
ATOM   40  O  OP1   . DC  A 1 3  ? 10.736  -9.634  9.543   1.00 44.73  ? 3   DC  A OP1   1 
ATOM   41  O  OP2   . DC  A 1 3  ? 10.517  -7.232  8.692   1.00 40.09  ? 3   DC  A OP2   1 
ATOM   42  O  "O5'" . DC  A 1 3  ? 8.530   -8.463  9.341   1.00 39.10  ? 3   DC  A "O5'" 1 
ATOM   43  C  "C5'" . DC  A 1 3  ? 7.756   -9.210  10.236  1.00 34.08  ? 3   DC  A "C5'" 1 
ATOM   44  C  "C4'" . DC  A 1 3  ? 6.307   -8.812  10.098  1.00 34.51  ? 3   DC  A "C4'" 1 
ATOM   45  O  "O4'" . DC  A 1 3  ? 6.178   -7.500  10.656  1.00 34.07  ? 3   DC  A "O4'" 1 
ATOM   46  C  "C3'" . DC  A 1 3  ? 5.844   -8.699  8.638   1.00 33.37  ? 3   DC  A "C3'" 1 
ATOM   47  O  "O3'" . DC  A 1 3  ? 5.203   -9.900  8.277   1.00 36.19  ? 3   DC  A "O3'" 1 
ATOM   48  C  "C2'" . DC  A 1 3  ? 4.880   -7.542  8.737   1.00 34.74  ? 3   DC  A "C2'" 1 
ATOM   49  C  "C1'" . DC  A 1 3  ? 5.102   -6.859  10.060  1.00 30.21  ? 3   DC  A "C1'" 1 
ATOM   50  N  N1    . DC  A 1 3  ? 5.456   -5.413  9.969   1.00 27.59  ? 3   DC  A N1    1 
ATOM   51  C  C2    . DC  A 1 3  ? 4.528   -4.478  10.466  1.00 25.28  ? 3   DC  A C2    1 
ATOM   52  O  O2    . DC  A 1 3  ? 3.436   -4.853  10.942  1.00 27.01  ? 3   DC  A O2    1 
ATOM   53  N  N3    . DC  A 1 3  ? 4.851   -3.188  10.366  1.00 25.37  ? 3   DC  A N3    1 
ATOM   54  C  C4    . DC  A 1 3  ? 6.011   -2.808  9.883   1.00 26.60  ? 3   DC  A C4    1 
ATOM   55  N  N4    . DC  A 1 3  ? 6.250   -1.501  9.876   1.00 29.40  ? 3   DC  A N4    1 
ATOM   56  C  C5    . DC  A 1 3  ? 6.984   -3.719  9.386   1.00 28.47  ? 3   DC  A C5    1 
ATOM   57  C  C6    . DC  A 1 3  ? 6.638   -5.032  9.410   1.00 27.92  ? 3   DC  A C6    1 
HETATM 58  P  P     . C6G A 1 4  ? 4.557   -10.186 6.876   1.00 37.02  ? 4   C6G A P     1 
HETATM 59  O  OP1   . C6G A 1 4  ? 4.665   -11.624 6.738   1.00 38.32  ? 4   C6G A OP1   1 
HETATM 60  O  OP2   . C6G A 1 4  ? 5.078   -9.168  6.005   1.00 37.14  ? 4   C6G A OP2   1 
HETATM 61  O  "O5'" . C6G A 1 4  ? 2.954   -9.948  7.226   1.00 39.77  ? 4   C6G A "O5'" 1 
HETATM 62  C  "C5'" . C6G A 1 4  ? 2.274   -10.689 8.223   1.00 39.84  ? 4   C6G A "C5'" 1 
HETATM 63  C  "C4'" . C6G A 1 4  ? 0.921   -10.034 8.399   1.00 41.66  ? 4   C6G A "C4'" 1 
HETATM 64  O  "O4'" . C6G A 1 4  ? 0.997   -8.659  8.704   1.00 40.35  ? 4   C6G A "O4'" 1 
HETATM 65  C  "C1'" . C6G A 1 4  ? 0.422   -7.810  7.688   1.00 37.64  ? 4   C6G A "C1'" 1 
HETATM 66  N  N9    . C6G A 1 4  ? 1.305   -6.649  7.451   1.00 32.34  ? 4   C6G A N9    1 
HETATM 67  C  C8    . C6G A 1 4  ? 2.413   -6.659  6.757   1.00 28.58  ? 4   C6G A C8    1 
HETATM 68  N  N7    . C6G A 1 4  ? 2.973   -5.472  6.763   1.00 27.38  ? 4   C6G A N7    1 
HETATM 69  C  C5    . C6G A 1 4  ? 2.165   -4.713  7.517   1.00 28.34  ? 4   C6G A C5    1 
HETATM 70  C  C4    . C6G A 1 4  ? 1.117   -5.442  7.955   1.00 28.74  ? 4   C6G A C4    1 
HETATM 71  N  N3    . C6G A 1 4  ? 0.143   -4.909  8.730   1.00 32.13  ? 4   C6G A N3    1 
HETATM 72  C  C2    . C6G A 1 4  ? 0.207   -3.618  9.043   1.00 28.89  ? 4   C6G A C2    1 
HETATM 73  N  N2    . C6G A 1 4  ? -0.760  -3.083  9.783   1.00 31.43  ? 4   C6G A N2    1 
HETATM 74  N  N1    . C6G A 1 4  ? 1.204   -2.833  8.627   1.00 29.82  ? 4   C6G A N1    1 
HETATM 75  C  C6    . C6G A 1 4  ? 2.201   -3.321  7.891   1.00 27.95  ? 4   C6G A C6    1 
HETATM 76  O  O6    . C6G A 1 4  ? 3.236   -2.488  7.431   1.00 30.27  ? 4   C6G A O6    1 
HETATM 77  C  "C2'" . C6G A 1 4  ? 0.204   -8.666  6.466   1.00 38.45  ? 4   C6G A "C2'" 1 
HETATM 78  C  "C3'" . C6G A 1 4  ? 0.088   -10.025 7.121   1.00 43.31  ? 4   C6G A "C3'" 1 
HETATM 79  O  "O3'" . C6G A 1 4  ? -1.258  -10.214 7.596   1.00 47.99  ? 4   C6G A "O3'" 1 
HETATM 80  C  C     . C6G A 1 4  ? 4.600   -0.595  7.372   1.00 42.75  ? 4   C6G A C     1 
HETATM 81  O  O     . C6G A 1 4  ? 5.481   -1.169  6.671   1.00 41.40  ? 4   C6G A O     1 
HETATM 82  O  O7    . C6G A 1 4  ? 4.424   0.629   7.590   1.00 42.01  ? 4   C6G A O7    1 
HETATM 83  C  CH3   . C6G A 1 4  ? 3.610   -1.368  8.138   1.00 40.66  ? 4   C6G A CH3   1 
ATOM   84  P  P     . DA  A 1 5  ? -2.657  -10.249 6.550   1.00 50.36  ? 5   DA  A P     1 
ATOM   85  O  OP1   . DA  A 1 5  ? -3.722  -11.044 7.251   1.00 47.07  ? 5   DA  A OP1   1 
ATOM   86  O  OP2   . DA  A 1 5  ? -2.075  -10.533 5.219   1.00 46.67  ? 5   DA  A OP2   1 
ATOM   87  O  "O5'" . DA  A 1 5  ? -3.132  -8.707  6.536   1.00 49.72  ? 5   DA  A "O5'" 1 
ATOM   88  C  "C5'" . DA  A 1 5  ? -3.537  -8.075  7.771   1.00 49.17  ? 5   DA  A "C5'" 1 
ATOM   89  C  "C4'" . DA  A 1 5  ? -3.845  -6.582  7.600   1.00 44.35  ? 5   DA  A "C4'" 1 
ATOM   90  O  "O4'" . DA  A 1 5  ? -2.686  -5.808  7.304   1.00 41.25  ? 5   DA  A "O4'" 1 
ATOM   91  C  "C3'" . DA  A 1 5  ? -4.807  -6.307  6.464   1.00 43.31  ? 5   DA  A "C3'" 1 
ATOM   92  O  "O3'" . DA  A 1 5  ? -5.842  -5.425  6.985   1.00 45.97  ? 5   DA  A "O3'" 1 
ATOM   93  C  "C2'" . DA  A 1 5  ? -3.947  -5.654  5.396   1.00 39.51  ? 5   DA  A "C2'" 1 
ATOM   94  C  "C1'" . DA  A 1 5  ? -3.003  -4.879  6.278   1.00 34.84  ? 5   DA  A "C1'" 1 
ATOM   95  N  N9    . DA  A 1 5  ? -1.762  -4.517  5.612   1.00 29.69  ? 5   DA  A N9    1 
ATOM   96  C  C8    . DA  A 1 5  ? -0.925  -5.300  4.894   1.00 31.69  ? 5   DA  A C8    1 
ATOM   97  N  N7    . DA  A 1 5  ? 0.146   -4.703  4.457   1.00 28.49  ? 5   DA  A N7    1 
ATOM   98  C  C5    . DA  A 1 5  ? 0.036   -3.449  4.949   1.00 25.41  ? 5   DA  A C5    1 
ATOM   99  C  C6    . DA  A 1 5  ? 0.878   -2.314  4.862   1.00 24.34  ? 5   DA  A C6    1 
ATOM   100 N  N6    . DA  A 1 5  ? 2.051   -2.312  4.204   1.00 22.55  ? 5   DA  A N6    1 
ATOM   101 N  N1    . DA  A 1 5  ? 0.455   -1.179  5.484   1.00 26.05  ? 5   DA  A N1    1 
ATOM   102 C  C2    . DA  A 1 5  ? -0.721  -1.190  6.169   1.00 24.41  ? 5   DA  A C2    1 
ATOM   103 N  N3    . DA  A 1 5  ? -1.550  -2.209  6.322   1.00 24.68  ? 5   DA  A N3    1 
ATOM   104 C  C4    . DA  A 1 5  ? -1.131  -3.305  5.666   1.00 26.90  ? 5   DA  A C4    1 
ATOM   105 P  P     . DA  A 1 6  ? -7.168  -5.104  6.111   1.00 46.26  ? 6   DA  A P     1 
ATOM   106 O  OP1   . DA  A 1 6  ? -8.204  -5.319  7.100   1.00 49.23  ? 6   DA  A OP1   1 
ATOM   107 O  OP2   . DA  A 1 6  ? -7.164  -5.774  4.809   1.00 45.46  ? 6   DA  A OP2   1 
ATOM   108 O  "O5'" . DA  A 1 6  ? -7.093  -3.516  5.786   1.00 43.43  ? 6   DA  A "O5'" 1 
ATOM   109 C  "C5'" . DA  A 1 6  ? -6.839  -2.606  6.822   1.00 40.32  ? 6   DA  A "C5'" 1 
ATOM   110 C  "C4'" . DA  A 1 6  ? -6.393  -1.281  6.226   1.00 40.25  ? 6   DA  A "C4'" 1 
ATOM   111 O  "O4'" . DA  A 1 6  ? -5.050  -1.268  5.642   1.00 37.22  ? 6   DA  A "O4'" 1 
ATOM   112 C  "C3'" . DA  A 1 6  ? -7.287  -0.836  5.129   1.00 37.99  ? 6   DA  A "C3'" 1 
ATOM   113 O  "O3'" . DA  A 1 6  ? -7.700  0.504   5.459   1.00 43.47  ? 6   DA  A "O3'" 1 
ATOM   114 C  "C2'" . DA  A 1 6  ? -6.421  -1.024  3.878   1.00 35.21  ? 6   DA  A "C2'" 1 
ATOM   115 C  "C1'" . DA  A 1 6  ? -5.026  -0.766  4.366   1.00 29.62  ? 6   DA  A "C1'" 1 
ATOM   116 N  N9    . DA  A 1 6  ? -3.993  -1.475  3.655   1.00 29.31  ? 6   DA  A N9    1 
ATOM   117 C  C8    . DA  A 1 6  ? -3.961  -2.777  3.260   1.00 27.14  ? 6   DA  A C8    1 
ATOM   118 N  N7    . DA  A 1 6  ? -2.868  -3.091  2.627   1.00 25.73  ? 6   DA  A N7    1 
ATOM   119 C  C5    . DA  A 1 6  ? -2.109  -1.900  2.647   1.00 25.47  ? 6   DA  A C5    1 
ATOM   120 C  C6    . DA  A 1 6  ? -0.824  -1.560  2.151   1.00 25.40  ? 6   DA  A C6    1 
ATOM   121 N  N6    . DA  A 1 6  ? 0.004   -2.365  1.548   1.00 20.66  ? 6   DA  A N6    1 
ATOM   122 N  N1    . DA  A 1 6  ? -0.372  -0.308  2.274   1.00 23.93  ? 6   DA  A N1    1 
ATOM   123 C  C2    . DA  A 1 6  ? -1.151  0.562   2.923   1.00 28.46  ? 6   DA  A C2    1 
ATOM   124 N  N3    . DA  A 1 6  ? -2.382  0.357   3.440   1.00 24.83  ? 6   DA  A N3    1 
ATOM   125 C  C4    . DA  A 1 6  ? -2.779  -0.899  3.271   1.00 26.59  ? 6   DA  A C4    1 
ATOM   126 P  P     . DT  A 1 7  ? -8.838  1.200   4.577   1.00 40.87  ? 7   DT  A P     1 
ATOM   127 O  OP1   . DT  A 1 7  ? -9.523  2.081   5.444   1.00 42.94  ? 7   DT  A OP1   1 
ATOM   128 O  OP2   . DT  A 1 7  ? -9.511  0.196   3.721   1.00 43.73  ? 7   DT  A OP2   1 
ATOM   129 O  "O5'" . DT  A 1 7  ? -7.926  2.078   3.601   1.00 40.75  ? 7   DT  A "O5'" 1 
ATOM   130 C  "C5'" . DT  A 1 7  ? -6.947  3.018   4.099   1.00 36.45  ? 7   DT  A "C5'" 1 
ATOM   131 C  "C4'" . DT  A 1 7  ? -6.072  3.532   2.967   1.00 34.85  ? 7   DT  A "C4'" 1 
ATOM   132 O  "O4'" . DT  A 1 7  ? -5.197  2.477   2.518   1.00 30.53  ? 7   DT  A "O4'" 1 
ATOM   133 C  "C3'" . DT  A 1 7  ? -6.832  3.973   1.715   1.00 30.69  ? 7   DT  A "C3'" 1 
ATOM   134 O  "O3'" . DT  A 1 7  ? -6.589  5.366   1.640   1.00 42.97  ? 7   DT  A "O3'" 1 
ATOM   135 C  "C2'" . DT  A 1 7  ? -6.122  3.328   0.557   1.00 32.32  ? 7   DT  A "C2'" 1 
ATOM   136 C  "C1'" . DT  A 1 7  ? -4.862  2.728   1.174   1.00 29.04  ? 7   DT  A "C1'" 1 
ATOM   137 N  N1    . DT  A 1 7  ? -4.303  1.482   0.604   1.00 26.04  ? 7   DT  A N1    1 
ATOM   138 C  C2    . DT  A 1 7  ? -3.000  1.493   0.154   1.00 27.13  ? 7   DT  A C2    1 
ATOM   139 O  O2    . DT  A 1 7  ? -2.337  2.499   0.126   1.00 27.41  ? 7   DT  A O2    1 
ATOM   140 N  N3    . DT  A 1 7  ? -2.550  0.301   -0.343  1.00 25.83  ? 7   DT  A N3    1 
ATOM   141 C  C4    . DT  A 1 7  ? -3.255  -0.885  -0.409  1.00 24.24  ? 7   DT  A C4    1 
ATOM   142 O  O4    . DT  A 1 7  ? -2.721  -1.889  -0.849  1.00 24.37  ? 7   DT  A O4    1 
ATOM   143 C  C5    . DT  A 1 7  ? -4.593  -0.847  0.089   1.00 25.37  ? 7   DT  A C5    1 
ATOM   144 C  C7    . DT  A 1 7  ? -5.461  -2.078  0.087   1.00 26.81  ? 7   DT  A C7    1 
ATOM   145 C  C6    . DT  A 1 7  ? -5.056  0.326   0.552   1.00 25.34  ? 7   DT  A C6    1 
ATOM   146 P  P     . DT  A 1 8  ? -7.103  6.279   0.470   1.00 40.76  ? 8   DT  A P     1 
ATOM   147 O  OP1   . DT  A 1 8  ? -7.510  7.539   1.078   1.00 47.25  ? 8   DT  A OP1   1 
ATOM   148 O  OP2   . DT  A 1 8  ? -8.012  5.565   -0.448  1.00 45.58  ? 8   DT  A OP2   1 
ATOM   149 O  "O5'" . DT  A 1 8  ? -5.728  6.568   -0.296  1.00 45.08  ? 8   DT  A "O5'" 1 
ATOM   150 C  "C5'" . DT  A 1 8  ? -4.519  6.939   0.379   1.00 40.53  ? 8   DT  A "C5'" 1 
ATOM   151 C  "C4'" . DT  A 1 8  ? -3.396  6.938   -0.646  1.00 37.85  ? 8   DT  A "C4'" 1 
ATOM   152 O  "O4'" . DT  A 1 8  ? -3.081  5.612   -1.093  1.00 33.99  ? 8   DT  A "O4'" 1 
ATOM   153 C  "C3'" . DT  A 1 8  ? -3.663  7.712   -1.915  1.00 38.82  ? 8   DT  A "C3'" 1 
ATOM   154 O  "O3'" . DT  A 1 8  ? -2.465  8.499   -2.118  1.00 44.49  ? 8   DT  A "O3'" 1 
ATOM   155 C  "C2'" . DT  A 1 8  ? -3.865  6.616   -2.958  1.00 35.69  ? 8   DT  A "C2'" 1 
ATOM   156 C  "C1'" . DT  A 1 8  ? -2.965  5.513   -2.472  1.00 31.20  ? 8   DT  A "C1'" 1 
ATOM   157 N  N1    . DT  A 1 8  ? -3.295  4.116   -2.822  1.00 28.39  ? 8   DT  A N1    1 
ATOM   158 C  C2    . DT  A 1 8  ? -2.300  3.311   -3.313  1.00 26.25  ? 8   DT  A C2    1 
ATOM   159 O  O2    . DT  A 1 8  ? -1.180  3.682   -3.539  1.00 28.06  ? 8   DT  A O2    1 
ATOM   160 N  N3    . DT  A 1 8  ? -2.652  2.041   -3.548  1.00 24.25  ? 8   DT  A N3    1 
ATOM   161 C  C4    . DT  A 1 8  ? -3.901  1.446   -3.378  1.00 27.08  ? 8   DT  A C4    1 
ATOM   162 O  O4    . DT  A 1 8  ? -4.032  0.259   -3.625  1.00 25.08  ? 8   DT  A O4    1 
ATOM   163 C  C5    . DT  A 1 8  ? -4.927  2.320   -2.875  1.00 27.09  ? 8   DT  A C5    1 
ATOM   164 C  C7    . DT  A 1 8  ? -6.332  1.842   -2.605  1.00 31.64  ? 8   DT  A C7    1 
ATOM   165 C  C6    . DT  A 1 8  ? -4.569  3.592   -2.594  1.00 29.94  ? 8   DT  A C6    1 
ATOM   166 P  P     . DT  A 1 9  ? -2.311  9.597   -3.259  1.00 45.17  ? 9   DT  A P     1 
ATOM   167 O  OP1   . DT  A 1 9  ? -1.722  10.743  -2.580  1.00 46.24  ? 9   DT  A OP1   1 
ATOM   168 O  OP2   . DT  A 1 9  ? -3.644  9.782   -3.877  1.00 48.43  ? 9   DT  A OP2   1 
ATOM   169 O  "O5'" . DT  A 1 9  ? -1.289  8.983   -4.299  1.00 41.02  ? 9   DT  A "O5'" 1 
ATOM   170 C  "C5'" . DT  A 1 9  ? -0.102  8.337   -3.938  1.00 41.75  ? 9   DT  A "C5'" 1 
ATOM   171 C  "C4'" . DT  A 1 9  ? 0.318   7.361   -5.040  1.00 40.69  ? 9   DT  A "C4'" 1 
ATOM   172 O  "O4'" . DT  A 1 9  ? -0.556  6.205   -5.046  1.00 40.69  ? 9   DT  A "O4'" 1 
ATOM   173 C  "C3'" . DT  A 1 9  ? 0.274   7.837   -6.475  1.00 41.11  ? 9   DT  A "C3'" 1 
ATOM   174 O  "O3'" . DT  A 1 9  ? 1.558   8.372   -6.818  1.00 44.04  ? 9   DT  A "O3'" 1 
ATOM   175 C  "C2'" . DT  A 1 9  ? -0.021  6.604   -7.321  1.00 39.48  ? 9   DT  A "C2'" 1 
ATOM   176 C  "C1'" . DT  A 1 9  ? -0.678  5.674   -6.358  1.00 37.97  ? 9   DT  A "C1'" 1 
ATOM   177 N  N1    . DT  A 1 9  ? -2.116  5.486   -6.542  1.00 36.44  ? 9   DT  A N1    1 
ATOM   178 C  C2    . DT  A 1 9  ? -2.601  4.225   -6.739  1.00 35.05  ? 9   DT  A C2    1 
ATOM   179 O  O2    . DT  A 1 9  ? -1.896  3.234   -6.798  1.00 34.77  ? 9   DT  A O2    1 
ATOM   180 N  N3    . DT  A 1 9  ? -3.966  4.201   -6.827  1.00 34.99  ? 9   DT  A N3    1 
ATOM   181 C  C4    . DT  A 1 9  ? -4.864  5.264   -6.775  1.00 36.72  ? 9   DT  A C4    1 
ATOM   182 O  O4    . DT  A 1 9  ? -6.079  5.104   -6.863  1.00 40.65  ? 9   DT  A O4    1 
ATOM   183 C  C5    . DT  A 1 9  ? -4.276  6.553   -6.585  1.00 38.71  ? 9   DT  A C5    1 
ATOM   184 C  C7    . DT  A 1 9  ? -5.111  7.820   -6.515  1.00 42.85  ? 9   DT  A C7    1 
ATOM   185 C  C6    . DT  A 1 9  ? -2.957  6.591   -6.498  1.00 39.10  ? 9   DT  A C6    1 
ATOM   186 P  P     . DG  A 1 10 ? 1.692   9.220   -8.163  1.00 44.75  ? 10  DG  A P     1 
ATOM   187 O  OP1   . DG  A 1 10 ? 2.987   9.871   -7.951  1.00 47.84  ? 10  DG  A OP1   1 
ATOM   188 O  OP2   . DG  A 1 10 ? 0.496   9.971   -8.529  1.00 39.85  ? 10  DG  A OP2   1 
ATOM   189 O  "O5'" . DG  A 1 10 ? 1.789   8.074   -9.273  1.00 45.08  ? 10  DG  A "O5'" 1 
ATOM   190 C  "C5'" . DG  A 1 10 ? 2.934   7.145   -9.443  1.00 42.99  ? 10  DG  A "C5'" 1 
ATOM   191 C  "C4'" . DG  A 1 10 ? 2.636   6.235   -10.634 1.00 41.26  ? 10  DG  A "C4'" 1 
ATOM   192 O  "O4'" . DG  A 1 10 ? 1.462   5.426   -10.375 1.00 38.91  ? 10  DG  A "O4'" 1 
ATOM   193 C  "C3'" . DG  A 1 10 ? 2.228   6.942   -11.915 1.00 42.53  ? 10  DG  A "C3'" 1 
ATOM   194 O  "O3'" . DG  A 1 10 ? 2.696   6.192   -13.006 1.00 47.49  ? 10  DG  A "O3'" 1 
ATOM   195 C  "C2'" . DG  A 1 10 ? 0.703   6.980   -11.903 1.00 39.71  ? 10  DG  A "C2'" 1 
ATOM   196 C  "C1'" . DG  A 1 10 ? 0.548   5.556   -11.436 1.00 35.94  ? 10  DG  A "C1'" 1 
ATOM   197 N  N9    . DG  A 1 10 ? -0.769  5.175   -10.991 1.00 35.03  ? 10  DG  A N9    1 
ATOM   198 C  C8    . DG  A 1 10 ? -1.771  5.970   -10.482 1.00 33.72  ? 10  DG  A C8    1 
ATOM   199 N  N7    . DG  A 1 10 ? -2.865  5.295   -10.167 1.00 35.69  ? 10  DG  A N7    1 
ATOM   200 C  C5    . DG  A 1 10 ? -2.574  3.941   -10.445 1.00 31.26  ? 10  DG  A C5    1 
ATOM   201 C  C6    . DG  A 1 10 ? -3.326  2.729   -10.308 1.00 29.84  ? 10  DG  A C6    1 
ATOM   202 O  O6    . DG  A 1 10 ? -4.427  2.587   -9.886  1.00 30.22  ? 10  DG  A O6    1 
ATOM   203 N  N1    . DG  A 1 10 ? -2.658  1.573   -10.706 1.00 28.21  ? 10  DG  A N1    1 
ATOM   204 C  C2    . DG  A 1 10 ? -1.354  1.607   -11.192 1.00 30.85  ? 10  DG  A C2    1 
ATOM   205 N  N2    . DG  A 1 10 ? -0.831  0.483   -11.612 1.00 25.11  ? 10  DG  A N2    1 
ATOM   206 N  N3    . DG  A 1 10 ? -0.619  2.729   -11.324 1.00 31.64  ? 10  DG  A N3    1 
ATOM   207 C  C4    . DG  A 1 10 ? -1.260  3.861   -10.933 1.00 34.29  ? 10  DG  A C4    1 
ATOM   208 P  P     . DC  A 1 11 ? 3.912   6.668   -13.942 1.00 50.31  ? 11  DC  A P     1 
ATOM   209 O  OP1   . DC  A 1 11 ? 4.977   7.229   -13.065 1.00 48.11  ? 11  DC  A OP1   1 
ATOM   210 O  OP2   . DC  A 1 11 ? 3.168   7.500   -14.908 1.00 48.30  ? 11  DC  A OP2   1 
ATOM   211 O  "O5'" . DC  A 1 11 ? 4.538   5.322   -14.644 1.00 47.72  ? 11  DC  A "O5'" 1 
ATOM   212 C  "C5'" . DC  A 1 11 ? 5.094   4.242   -13.839 1.00 47.29  ? 11  DC  A "C5'" 1 
ATOM   213 C  "C4'" . DC  A 1 11 ? 4.643   2.791   -14.092 1.00 48.00  ? 11  DC  A "C4'" 1 
ATOM   214 O  "O4'" . DC  A 1 11 ? 3.227   2.501   -13.808 1.00 45.27  ? 11  DC  A "O4'" 1 
ATOM   215 C  "C3'" . DC  A 1 11 ? 4.788   2.354   -15.524 1.00 49.16  ? 11  DC  A "C3'" 1 
ATOM   216 O  "O3'" . DC  A 1 11 ? 5.044   0.962   -15.467 1.00 52.22  ? 11  DC  A "O3'" 1 
ATOM   217 C  "C2'" . DC  A 1 11 ? 3.419   2.708   -16.152 1.00 47.77  ? 11  DC  A "C2'" 1 
ATOM   218 C  "C1'" . DC  A 1 11 ? 2.522   2.147   -15.037 1.00 43.65  ? 11  DC  A "C1'" 1 
ATOM   219 N  N1    . DC  A 1 11 ? 1.124   2.705   -14.927 1.00 39.03  ? 11  DC  A N1    1 
ATOM   220 C  C2    . DC  A 1 11 ? 0.057   1.849   -14.652 1.00 35.73  ? 11  DC  A C2    1 
ATOM   221 O  O2    . DC  A 1 11 ? 0.329   0.649   -14.590 1.00 32.81  ? 11  DC  A O2    1 
ATOM   222 N  N3    . DC  A 1 11 ? -1.197  2.393   -14.475 1.00 30.78  ? 11  DC  A N3    1 
ATOM   223 C  C4    . DC  A 1 11 ? -1.410  3.704   -14.538 1.00 32.40  ? 11  DC  A C4    1 
ATOM   224 N  N4    . DC  A 1 11 ? -2.616  4.194   -14.318 1.00 28.59  ? 11  DC  A N4    1 
ATOM   225 C  C5    . DC  A 1 11 ? -0.325  4.586   -14.788 1.00 36.44  ? 11  DC  A C5    1 
ATOM   226 C  C6    . DC  A 1 11 ? 0.878   4.053   -14.962 1.00 38.61  ? 11  DC  A C6    1 
ATOM   227 P  P     . DG  A 1 12 ? 5.756   0.314   -16.764 1.00 54.81  ? 12  DG  A P     1 
ATOM   228 O  OP1   . DG  A 1 12 ? 6.703   -0.683  -16.174 1.00 52.00  ? 12  DG  A OP1   1 
ATOM   229 O  OP2   . DG  A 1 12 ? 6.103   1.368   -17.789 1.00 54.12  ? 12  DG  A OP2   1 
ATOM   230 O  "O5'" . DG  A 1 12 ? 4.563   -0.460  -17.448 1.00 52.51  ? 12  DG  A "O5'" 1 
ATOM   231 C  "C5'" . DG  A 1 12 ? 4.009   -1.643  -16.845 1.00 49.96  ? 12  DG  A "C5'" 1 
ATOM   232 C  "C4'" . DG  A 1 12 ? 2.875   -2.145  -17.728 1.00 47.21  ? 12  DG  A "C4'" 1 
ATOM   233 O  "O4'" . DG  A 1 12 ? 1.677   -1.311  -17.570 1.00 43.89  ? 12  DG  A "O4'" 1 
ATOM   234 C  "C3'" . DG  A 1 12 ? 3.220   -2.074  -19.216 1.00 47.71  ? 12  DG  A "C3'" 1 
ATOM   235 O  "O3'" . DG  A 1 12 ? 2.818   -3.300  -19.820 1.00 51.33  ? 12  DG  A "O3'" 1 
ATOM   236 C  "C2'" . DG  A 1 12 ? 2.436   -0.846  -19.751 1.00 42.13  ? 12  DG  A "C2'" 1 
ATOM   237 C  "C1'" . DG  A 1 12 ? 1.225   -0.857  -18.829 1.00 38.30  ? 12  DG  A "C1'" 1 
ATOM   238 N  N9    . DG  A 1 12 ? 0.559   0.427   -18.628 1.00 35.06  ? 12  DG  A N9    1 
ATOM   239 C  C8    . DG  A 1 12 ? 1.069   1.686   -18.744 1.00 33.68  ? 12  DG  A C8    1 
ATOM   240 N  N7    . DG  A 1 12 ? 0.238   2.657   -18.501 1.00 32.58  ? 12  DG  A N7    1 
ATOM   241 C  C5    . DG  A 1 12 ? -0.937  1.984   -18.188 1.00 33.52  ? 12  DG  A C5    1 
ATOM   242 C  C6    . DG  A 1 12 ? -2.221  2.480   -17.779 1.00 33.14  ? 12  DG  A C6    1 
ATOM   243 O  O6    . DG  A 1 12 ? -2.564  3.665   -17.647 1.00 34.58  ? 12  DG  A O6    1 
ATOM   244 N  N1    . DG  A 1 12 ? -3.153  1.483   -17.532 1.00 30.85  ? 12  DG  A N1    1 
ATOM   245 C  C2    . DG  A 1 12 ? -2.908  0.151   -17.636 1.00 32.28  ? 12  DG  A C2    1 
ATOM   246 N  N2    . DG  A 1 12 ? -3.936  -0.662  -17.410 1.00 28.75  ? 12  DG  A N2    1 
ATOM   247 N  N3    . DG  A 1 12 ? -1.691  -0.340  -18.002 1.00 32.50  ? 12  DG  A N3    1 
ATOM   248 C  C4    . DG  A 1 12 ? -0.752  0.625   -18.235 1.00 33.82  ? 12  DG  A C4    1 
ATOM   249 O  "O5'" . DC  B 1 1  ? -11.701 3.277   -16.593 1.00 58.84  ? 13  DC  B "O5'" 1 
ATOM   250 C  "C5'" . DC  B 1 1  ? -12.198 2.182   -17.351 1.00 55.12  ? 13  DC  B "C5'" 1 
ATOM   251 C  "C4'" . DC  B 1 1  ? -11.273 0.941   -17.253 1.00 54.74  ? 13  DC  B "C4'" 1 
ATOM   252 O  "O4'" . DC  B 1 1  ? -9.847  1.164   -17.553 1.00 52.42  ? 13  DC  B "O4'" 1 
ATOM   253 C  "C3'" . DC  B 1 1  ? -11.203 0.262   -15.880 1.00 54.90  ? 13  DC  B "C3'" 1 
ATOM   254 O  "O3'" . DC  B 1 1  ? -11.011 -1.113  -16.184 1.00 56.58  ? 13  DC  B "O3'" 1 
ATOM   255 C  "C2'" . DC  B 1 1  ? -9.945  0.790   -15.208 1.00 51.29  ? 13  DC  B "C2'" 1 
ATOM   256 C  "C1'" . DC  B 1 1  ? -9.027  0.859   -16.423 1.00 46.00  ? 13  DC  B "C1'" 1 
ATOM   257 N  N1    . DC  B 1 1  ? -7.960  1.878   -16.388 1.00 41.00  ? 13  DC  B N1    1 
ATOM   258 C  C2    . DC  B 1 1  ? -6.658  1.485   -16.721 1.00 36.99  ? 13  DC  B C2    1 
ATOM   259 O  O2    . DC  B 1 1  ? -6.401  0.296   -16.992 1.00 39.18  ? 13  DC  B O2    1 
ATOM   260 N  N3    . DC  B 1 1  ? -5.696  2.406   -16.738 1.00 37.70  ? 13  DC  B N3    1 
ATOM   261 C  C4    . DC  B 1 1  ? -5.963  3.683   -16.450 1.00 37.41  ? 13  DC  B C4    1 
ATOM   262 N  N4    . DC  B 1 1  ? -4.950  4.531   -16.467 1.00 33.09  ? 13  DC  B N4    1 
ATOM   263 C  C5    . DC  B 1 1  ? -7.296  4.107   -16.112 1.00 39.69  ? 13  DC  B C5    1 
ATOM   264 C  C6    . DC  B 1 1  ? -8.251  3.181   -16.115 1.00 38.71  ? 13  DC  B C6    1 
ATOM   265 P  P     . DG  B 1 2  ? -11.686 -2.218  -15.257 1.00 58.59  ? 14  DG  B P     1 
ATOM   266 O  OP1   . DG  B 1 2  ? -12.529 -3.055  -16.183 1.00 58.72  ? 14  DG  B OP1   1 
ATOM   267 O  OP2   . DG  B 1 2  ? -12.108 -1.494  -13.995 1.00 56.41  ? 14  DG  B OP2   1 
ATOM   268 O  "O5'" . DG  B 1 2  ? -10.529 -3.169  -14.758 1.00 53.32  ? 14  DG  B "O5'" 1 
ATOM   269 C  "C5'" . DG  B 1 2  ? -9.847  -3.923  -15.705 1.00 46.90  ? 14  DG  B "C5'" 1 
ATOM   270 C  "C4'" . DG  B 1 2  ? -8.475  -4.283  -15.144 1.00 42.56  ? 14  DG  B "C4'" 1 
ATOM   271 O  "O4'" . DG  B 1 2  ? -7.628  -3.132  -15.151 1.00 36.43  ? 14  DG  B "O4'" 1 
ATOM   272 C  "C3'" . DG  B 1 2  ? -8.546  -4.784  -13.727 1.00 39.71  ? 14  DG  B "C3'" 1 
ATOM   273 O  "O3'" . DG  B 1 2  ? -7.878  -6.026  -13.600 1.00 38.66  ? 14  DG  B "O3'" 1 
ATOM   274 C  "C2'" . DG  B 1 2  ? -7.929  -3.608  -12.981 1.00 39.55  ? 14  DG  B "C2'" 1 
ATOM   275 C  "C1'" . DG  B 1 2  ? -6.919  -3.080  -13.989 1.00 36.42  ? 14  DG  B "C1'" 1 
ATOM   276 N  N9    . DG  B 1 2  ? -6.590  -1.669  -13.753 1.00 33.03  ? 14  DG  B N9    1 
ATOM   277 C  C8    . DG  B 1 2  ? -7.432  -0.707  -13.306 1.00 30.65  ? 14  DG  B C8    1 
ATOM   278 N  N7    . DG  B 1 2  ? -6.870  0.464   -13.172 1.00 29.22  ? 14  DG  B N7    1 
ATOM   279 C  C5    . DG  B 1 2  ? -5.581  0.281   -13.580 1.00 28.79  ? 14  DG  B C5    1 
ATOM   280 C  C6    . DG  B 1 2  ? -4.509  1.162   -13.629 1.00 25.67  ? 14  DG  B C6    1 
ATOM   281 O  O6    . DG  B 1 2  ? -4.503  2.342   -13.391 1.00 26.18  ? 14  DG  B O6    1 
ATOM   282 N  N1    . DG  B 1 2  ? -3.341  0.544   -14.045 1.00 25.45  ? 14  DG  B N1    1 
ATOM   283 C  C2    . DG  B 1 2  ? -3.182  -0.777  -14.347 1.00 27.91  ? 14  DG  B C2    1 
ATOM   284 N  N2    . DG  B 1 2  ? -1.954  -1.163  -14.737 1.00 25.10  ? 14  DG  B N2    1 
ATOM   285 N  N3    . DG  B 1 2  ? -4.207  -1.604  -14.322 1.00 28.62  ? 14  DG  B N3    1 
ATOM   286 C  C4    . DG  B 1 2  ? -5.362  -1.039  -13.910 1.00 29.52  ? 14  DG  B C4    1 
ATOM   287 P  P     . DC  B 1 3  ? -7.818  -6.796  -12.196 1.00 41.27  ? 15  DC  B P     1 
ATOM   288 O  OP1   . DC  B 1 3  ? -8.210  -8.163  -12.479 1.00 43.81  ? 15  DC  B OP1   1 
ATOM   289 O  OP2   . DC  B 1 3  ? -8.448  -6.048  -11.076 1.00 41.20  ? 15  DC  B OP2   1 
ATOM   290 O  "O5'" . DC  B 1 3  ? -6.265  -6.816  -11.904 1.00 36.81  ? 15  DC  B "O5'" 1 
ATOM   291 C  "C5'" . DC  B 1 3  ? -5.286  -6.993  -12.916 1.00 32.86  ? 15  DC  B "C5'" 1 
ATOM   292 C  "C4'" . DC  B 1 3  ? -3.976  -6.370  -12.488 1.00 30.70  ? 15  DC  B "C4'" 1 
ATOM   293 O  "O4'" . DC  B 1 3  ? -4.071  -4.909  -12.531 1.00 31.90  ? 15  DC  B "O4'" 1 
ATOM   294 C  "C3'" . DC  B 1 3  ? -3.559  -6.695  -11.071 1.00 33.36  ? 15  DC  B "C3'" 1 
ATOM   295 O  "O3'" . DC  B 1 3  ? -2.651  -7.747  -11.062 1.00 35.61  ? 15  DC  B "O3'" 1 
ATOM   296 C  "C2'" . DC  B 1 3  ? -2.843  -5.443  -10.581 1.00 33.66  ? 15  DC  B "C2'" 1 
ATOM   297 C  "C1'" . DC  B 1 3  ? -3.224  -4.344  -11.547 1.00 29.02  ? 15  DC  B "C1'" 1 
ATOM   298 N  N1    . DC  B 1 3  ? -3.987  -3.176  -10.978 1.00 28.74  ? 15  DC  B N1    1 
ATOM   299 C  C2    . DC  B 1 3  ? -3.336  -1.949  -11.023 1.00 24.75  ? 15  DC  B C2    1 
ATOM   300 O  O2    . DC  B 1 3  ? -2.187  -1.910  -11.470 1.00 24.37  ? 15  DC  B O2    1 
ATOM   301 N  N3    . DC  B 1 3  ? -4.005  -0.861  -10.583 1.00 28.34  ? 15  DC  B N3    1 
ATOM   302 C  C4    . DC  B 1 3  ? -5.243  -0.963  -10.156 1.00 27.40  ? 15  DC  B C4    1 
ATOM   303 N  N4    . DC  B 1 3  ? -5.836  0.149   -9.766  1.00 34.38  ? 15  DC  B N4    1 
ATOM   304 C  C5    . DC  B 1 3  ? -5.927  -2.178  -10.083 1.00 29.97  ? 15  DC  B C5    1 
ATOM   305 C  C6    . DC  B 1 3  ? -5.243  -3.265  -10.495 1.00 26.56  ? 15  DC  B C6    1 
HETATM 306 P  P     . C6G B 1 4  ? -2.104  -8.362  -9.709  1.00 40.37  ? 16  C6G B P     1 
HETATM 307 O  OP1   . C6G B 1 4  ? -3.034  -8.008  -8.630  1.00 39.85  ? 16  C6G B OP1   1 
HETATM 308 O  OP2   . C6G B 1 4  ? -1.775  -9.736  -10.117 1.00 43.46  ? 16  C6G B OP2   1 
HETATM 309 O  "O5'" . C6G B 1 4  ? -0.631  -7.522  -9.549  1.00 38.61  ? 16  C6G B "O5'" 1 
HETATM 310 C  "C5'" . C6G B 1 4  ? 0.392   -7.625  -10.514 1.00 37.70  ? 16  C6G B "C5'" 1 
HETATM 311 C  "C4'" . C6G B 1 4  ? 1.444   -6.593  -10.156 1.00 34.68  ? 16  C6G B "C4'" 1 
HETATM 312 O  "O4'" . C6G B 1 4  ? 0.825   -5.321  -10.090 1.00 33.17  ? 16  C6G B "O4'" 1 
HETATM 313 C  "C1'" . C6G B 1 4  ? 0.998   -4.777  -8.796  1.00 32.52  ? 16  C6G B "C1'" 1 
HETATM 314 N  N9    . C6G B 1 4  ? -0.189  -4.057  -8.344  1.00 29.45  ? 16  C6G B N9    1 
HETATM 315 C  C8    . C6G B 1 4  ? -1.297  -4.605  -7.871  1.00 31.51  ? 16  C6G B C8    1 
HETATM 316 N  N7    . C6G B 1 4  ? -2.192  -3.667  -7.549  1.00 29.18  ? 16  C6G B N7    1 
HETATM 317 C  C5    . C6G B 1 4  ? -1.567  -2.530  -7.857  1.00 27.73  ? 16  C6G B C5    1 
HETATM 318 C  C4    . C6G B 1 4  ? -0.316  -2.766  -8.368  1.00 27.95  ? 16  C6G B C4    1 
HETATM 319 N  N3    . C6G B 1 4  ? 0.542   -1.788  -8.742  1.00 26.70  ? 16  C6G B N3    1 
HETATM 320 C  C2    . C6G B 1 4  ? 0.166   -0.533  -8.621  1.00 25.87  ? 16  C6G B C2    1 
HETATM 321 N  N2    . C6G B 1 4  ? 0.984   0.477   -8.978  1.00 23.39  ? 16  C6G B N2    1 
HETATM 322 N  N1    . C6G B 1 4  ? -1.032  -0.280  -8.087  1.00 24.37  ? 16  C6G B N1    1 
HETATM 323 C  C6    . C6G B 1 4  ? -1.923  -1.175  -7.730  1.00 23.76  ? 16  C6G B C6    1 
HETATM 324 O  O6    . C6G B 1 4  ? -3.169  -0.809  -7.151  1.00 28.50  ? 16  C6G B O6    1 
HETATM 325 C  "C2'" . C6G B 1 4  ? 1.330   -5.902  -7.837  1.00 33.96  ? 16  C6G B "C2'" 1 
HETATM 326 C  "C3'" . C6G B 1 4  ? 2.042   -6.852  -8.772  1.00 36.75  ? 16  C6G B "C3'" 1 
HETATM 327 O  "O3'" . C6G B 1 4  ? 3.448   -6.526  -8.892  1.00 41.33  ? 16  C6G B "O3'" 1 
HETATM 328 C  C     . C6G B 1 4  ? -5.000  0.666   -6.649  1.00 34.76  ? 16  C6G B C     1 
HETATM 329 O  O     . C6G B 1 4  ? -5.783  -0.318  -6.476  1.00 34.38  ? 16  C6G B O     1 
HETATM 330 O  O7    . C6G B 1 4  ? -5.155  1.891   -6.389  1.00 31.16  ? 16  C6G B O7    1 
HETATM 331 C  CH3   . C6G B 1 4  ? -3.692  0.472   -7.327  1.00 32.50  ? 16  C6G B CH3   1 
ATOM   332 P  P     . DA  B 1 5  ? 4.555   -6.130  -7.752  1.00 43.86  ? 17  DA  B P     1 
ATOM   333 O  OP1   . DA  B 1 5  ? 5.934   -6.463  -8.239  1.00 43.59  ? 17  DA  B OP1   1 
ATOM   334 O  OP2   . DA  B 1 5  ? 4.014   -6.750  -6.536  1.00 42.97  ? 17  DA  B OP2   1 
ATOM   335 O  "O5'" . DA  B 1 5  ? 4.428   -4.539  -7.655  1.00 41.08  ? 17  DA  B "O5'" 1 
ATOM   336 C  "C5'" . DA  B 1 5  ? 4.818   -3.779  -8.792  1.00 40.01  ? 17  DA  B "C5'" 1 
ATOM   337 C  "C4'" . DA  B 1 5  ? 4.975   -2.344  -8.419  1.00 39.08  ? 17  DA  B "C4'" 1 
ATOM   338 O  "O4'" . DA  B 1 5  ? 3.738   -1.768  -7.957  1.00 36.29  ? 17  DA  B "O4'" 1 
ATOM   339 C  "C3'" . DA  B 1 5  ? 5.926   -2.178  -7.260  1.00 40.12  ? 17  DA  B "C3'" 1 
ATOM   340 O  "O3'" . DA  B 1 5  ? 6.713   -1.069  -7.557  1.00 41.19  ? 17  DA  B "O3'" 1 
ATOM   341 C  "C2'" . DA  B 1 5  ? 4.995   -2.063  -6.044  1.00 37.92  ? 17  DA  B "C2'" 1 
ATOM   342 C  "C1'" . DA  B 1 5  ? 3.791   -1.337  -6.608  1.00 31.78  ? 17  DA  B "C1'" 1 
ATOM   343 N  N9    . DA  B 1 5  ? 2.514   -1.674  -5.966  1.00 29.41  ? 17  DA  B N9    1 
ATOM   344 C  C8    . DA  B 1 5  ? 2.051   -2.927  -5.680  1.00 29.26  ? 17  DA  B C8    1 
ATOM   345 N  N7    . DA  B 1 5  ? 0.870   -2.929  -5.140  1.00 30.13  ? 17  DA  B N7    1 
ATOM   346 C  C5    . DA  B 1 5  ? 0.499   -1.612  -5.074  1.00 25.59  ? 17  DA  B C5    1 
ATOM   347 C  C6    . DA  B 1 5  ? -0.659  -0.991  -4.655  1.00 23.63  ? 17  DA  B C6    1 
ATOM   348 N  N6    . DA  B 1 5  ? -1.674  -1.604  -4.091  1.00 19.91  ? 17  DA  B N6    1 
ATOM   349 N  N1    . DA  B 1 5  ? -0.664  0.340   -4.715  1.00 24.76  ? 17  DA  B N1    1 
ATOM   350 C  C2    . DA  B 1 5  ? 0.367   1.020   -5.222  1.00 23.30  ? 17  DA  B C2    1 
ATOM   351 N  N3    . DA  B 1 5  ? 1.474   0.520   -5.679  1.00 23.76  ? 17  DA  B N3    1 
ATOM   352 C  C4    . DA  B 1 5  ? 1.489   -0.817  -5.578  1.00 25.75  ? 17  DA  B C4    1 
ATOM   353 P  P     . DA  B 1 6  ? 7.822   -0.571  -6.531  1.00 46.93  ? 18  DA  B P     1 
ATOM   354 O  OP1   . DA  B 1 6  ? 8.606   0.440   -7.235  1.00 43.50  ? 18  DA  B OP1   1 
ATOM   355 O  OP2   . DA  B 1 6  ? 8.407   -1.712  -5.765  1.00 48.69  ? 18  DA  B OP2   1 
ATOM   356 O  "O5'" . DA  B 1 6  ? 6.894   0.123   -5.483  1.00 46.44  ? 18  DA  B "O5'" 1 
ATOM   357 C  "C5'" . DA  B 1 6  ? 7.388   1.066   -4.639  1.00 47.11  ? 18  DA  B "C5'" 1 
ATOM   358 C  "C4'" . DA  B 1 6  ? 6.396   2.227   -4.582  1.00 44.79  ? 18  DA  B "C4'" 1 
ATOM   359 O  "O4'" . DA  B 1 6  ? 4.972   1.855   -4.508  1.00 42.46  ? 18  DA  B "O4'" 1 
ATOM   360 C  "C3'" . DA  B 1 6  ? 6.654   2.989   -3.327  1.00 45.50  ? 18  DA  B "C3'" 1 
ATOM   361 O  "O3'" . DA  B 1 6  ? 6.502   4.358   -3.646  1.00 51.11  ? 18  DA  B "O3'" 1 
ATOM   362 C  "C2'" . DA  B 1 6  ? 5.615   2.495   -2.324  1.00 43.26  ? 18  DA  B "C2'" 1 
ATOM   363 C  "C1'" . DA  B 1 6  ? 4.458   2.137   -3.237  1.00 35.72  ? 18  DA  B "C1'" 1 
ATOM   364 N  N9    . DA  B 1 6  ? 3.715   0.947   -2.854  1.00 30.54  ? 18  DA  B N9    1 
ATOM   365 C  C8    . DA  B 1 6  ? 4.052   -0.348  -2.937  1.00 25.10  ? 18  DA  B C8    1 
ATOM   366 N  N7    . DA  B 1 6  ? 3.121   -1.155  -2.534  1.00 26.74  ? 18  DA  B N7    1 
ATOM   367 C  C5    . DA  B 1 6  ? 2.097   -0.337  -2.158  1.00 25.17  ? 18  DA  B C5    1 
ATOM   368 C  C6    . DA  B 1 6  ? 0.802   -0.611  -1.640  1.00 24.32  ? 18  DA  B C6    1 
ATOM   369 N  N6    . DA  B 1 6  ? 0.307   -1.835  -1.440  1.00 24.30  ? 18  DA  B N6    1 
ATOM   370 N  N1    . DA  B 1 6  ? 0.014   0.421   -1.347  1.00 22.52  ? 18  DA  B N1    1 
ATOM   371 C  C2    . DA  B 1 6  ? 0.482   1.641   -1.635  1.00 24.40  ? 18  DA  B C2    1 
ATOM   372 N  N3    . DA  B 1 6  ? 1.657   2.033   -2.125  1.00 24.65  ? 18  DA  B N3    1 
ATOM   373 C  C4    . DA  B 1 6  ? 2.441   0.973   -2.357  1.00 26.54  ? 18  DA  B C4    1 
ATOM   374 P  P     . DT  B 1 7  ? 7.268   5.400   -2.711  1.00 52.48  ? 19  DT  B P     1 
ATOM   375 O  OP1   . DT  B 1 7  ? 7.284   6.657   -3.539  1.00 52.29  ? 19  DT  B OP1   1 
ATOM   376 O  OP2   . DT  B 1 7  ? 8.403   4.684   -2.137  1.00 49.89  ? 19  DT  B OP2   1 
ATOM   377 O  "O5'" . DT  B 1 7  ? 6.202   5.436   -1.511  1.00 45.58  ? 19  DT  B "O5'" 1 
ATOM   378 C  "C5'" . DT  B 1 7  ? 5.001   6.066   -1.740  1.00 41.36  ? 19  DT  B "C5'" 1 
ATOM   379 C  "C4'" . DT  B 1 7  ? 4.110   5.736   -0.576  1.00 39.30  ? 19  DT  B "C4'" 1 
ATOM   380 O  "O4'" . DT  B 1 7  ? 3.771   4.354   -0.537  1.00 32.17  ? 19  DT  B "O4'" 1 
ATOM   381 C  "C3'" . DT  B 1 7  ? 4.696   6.018   0.792   1.00 38.50  ? 19  DT  B "C3'" 1 
ATOM   382 O  "O3'" . DT  B 1 7  ? 4.078   7.224   1.233   1.00 44.75  ? 19  DT  B "O3'" 1 
ATOM   383 C  "C2'" . DT  B 1 7  ? 4.306   4.834   1.672   1.00 36.81  ? 19  DT  B "C2'" 1 
ATOM   384 C  "C1'" . DT  B 1 7  ? 3.347   4.079   0.782   1.00 30.61  ? 19  DT  B "C1'" 1 
ATOM   385 N  N1    . DT  B 1 7  ? 3.257   2.641   0.965   1.00 30.11  ? 19  DT  B N1    1 
ATOM   386 C  C2    . DT  B 1 7  ? 2.048   2.094   1.421   1.00 27.43  ? 19  DT  B C2    1 
ATOM   387 O  O2    . DT  B 1 7  ? 1.088   2.761   1.709   1.00 27.89  ? 19  DT  B O2    1 
ATOM   388 N  N3    . DT  B 1 7  ? 1.992   0.727   1.492   1.00 23.80  ? 19  DT  B N3    1 
ATOM   389 C  C4    . DT  B 1 7  ? 3.024   -0.149  1.166   1.00 27.64  ? 19  DT  B C4    1 
ATOM   390 O  O4    . DT  B 1 7  ? 2.829   -1.343  1.287   1.00 24.83  ? 19  DT  B O4    1 
ATOM   391 C  C5    . DT  B 1 7  ? 4.274   0.470   0.732   1.00 28.34  ? 19  DT  B C5    1 
ATOM   392 C  C7    . DT  B 1 7  ? 5.439   -0.435  0.361   1.00 28.41  ? 19  DT  B C7    1 
ATOM   393 C  C6    . DT  B 1 7  ? 4.326   1.809   0.630   1.00 27.52  ? 19  DT  B C6    1 
ATOM   394 P  P     . DT  B 1 8  ? 4.354   7.763   2.656   1.00 42.03  ? 20  DT  B P     1 
ATOM   395 O  OP1   . DT  B 1 8  ? 4.328   9.206   2.470   1.00 46.93  ? 20  DT  B OP1   1 
ATOM   396 O  OP2   . DT  B 1 8  ? 5.514   7.068   3.228   1.00 37.17  ? 20  DT  B OP2   1 
ATOM   397 O  "O5'" . DT  B 1 8  ? 3.006   7.359   3.382   1.00 39.28  ? 20  DT  B "O5'" 1 
ATOM   398 C  "C5'" . DT  B 1 8  ? 1.723   7.536   2.802   1.00 39.68  ? 20  DT  B "C5'" 1 
ATOM   399 C  "C4'" . DT  B 1 8  ? 0.688   6.862   3.710   1.00 38.61  ? 20  DT  B "C4'" 1 
ATOM   400 O  "O4'" . DT  B 1 8  ? 0.944   5.446   3.733   1.00 34.50  ? 20  DT  B "O4'" 1 
ATOM   401 C  "C3'" . DT  B 1 8  ? 0.726   7.266   5.182   1.00 40.26  ? 20  DT  B "C3'" 1 
ATOM   402 O  "O3'" . DT  B 1 8  ? -0.601  7.473   5.563   1.00 42.69  ? 20  DT  B "O3'" 1 
ATOM   403 C  "C2'" . DT  B 1 8  ? 1.355   6.066   5.899   1.00 39.08  ? 20  DT  B "C2'" 1 
ATOM   404 C  "C1'" . DT  B 1 8  ? 0.877   4.923   5.025   1.00 32.43  ? 20  DT  B "C1'" 1 
ATOM   405 N  N1    . DT  B 1 8  ? 1.650   3.678   4.976   1.00 33.44  ? 20  DT  B N1    1 
ATOM   406 C  C2    . DT  B 1 8  ? 0.976   2.468   5.085   1.00 28.65  ? 20  DT  B C2    1 
ATOM   407 O  O2    . DT  B 1 8  ? -0.197  2.403   5.294   1.00 30.07  ? 20  DT  B O2    1 
ATOM   408 N  N3    . DT  B 1 8  ? 1.760   1.346   4.963   1.00 28.34  ? 20  DT  B N3    1 
ATOM   409 C  C4    . DT  B 1 8  ? 3.103   1.301   4.739   1.00 30.23  ? 20  DT  B C4    1 
ATOM   410 O  O4    . DT  B 1 8  ? 3.670   0.223   4.585   1.00 31.06  ? 20  DT  B O4    1 
ATOM   411 C  C5    . DT  B 1 8  ? 3.765   2.584   4.625   1.00 32.24  ? 20  DT  B C5    1 
ATOM   412 C  C7    . DT  B 1 8  ? 5.255   2.633   4.361   1.00 29.38  ? 20  DT  B C7    1 
ATOM   413 C  C6    . DT  B 1 8  ? 3.033   3.705   4.748   1.00 29.70  ? 20  DT  B C6    1 
ATOM   414 P  P     . DT  B 1 9  ? -0.953  8.142   6.932   1.00 43.41  ? 21  DT  B P     1 
ATOM   415 O  OP1   . DT  B 1 9  ? -2.119  8.993   6.663   1.00 45.32  ? 21  DT  B OP1   1 
ATOM   416 O  OP2   . DT  B 1 9  ? 0.302   8.631   7.539   1.00 42.18  ? 21  DT  B OP2   1 
ATOM   417 O  "O5'" . DT  B 1 9  ? -1.485  6.855   7.787   1.00 42.00  ? 21  DT  B "O5'" 1 
ATOM   418 C  "C5'" . DT  B 1 9  ? -2.605  6.081   7.407   1.00 41.14  ? 21  DT  B "C5'" 1 
ATOM   419 C  "C4'" . DT  B 1 9  ? -2.601  4.735   8.086   1.00 40.46  ? 21  DT  B "C4'" 1 
ATOM   420 O  "O4'" . DT  B 1 9  ? -1.406  4.094   7.676   1.00 42.65  ? 21  DT  B "O4'" 1 
ATOM   421 C  "C3'" . DT  B 1 9  ? -2.433  4.791   9.589   1.00 43.96  ? 21  DT  B "C3'" 1 
ATOM   422 O  "O3'" . DT  B 1 9  ? -3.753  4.734   10.219  1.00 47.29  ? 21  DT  B "O3'" 1 
ATOM   423 C  "C2'" . DT  B 1 9  ? -1.664  3.537   9.956   1.00 43.01  ? 21  DT  B "C2'" 1 
ATOM   424 C  "C1'" . DT  B 1 9  ? -0.953  3.182   8.692   1.00 42.56  ? 21  DT  B "C1'" 1 
ATOM   425 N  N1    . DT  B 1 9  ? 0.542   3.295   8.826   1.00 40.35  ? 21  DT  B N1    1 
ATOM   426 C  C2    . DT  B 1 9  ? 1.341   2.181   8.590   1.00 40.07  ? 21  DT  B C2    1 
ATOM   427 O  O2    . DT  B 1 9  ? 0.939   1.057   8.310   1.00 32.95  ? 21  DT  B O2    1 
ATOM   428 N  N3    . DT  B 1 9  ? 2.666   2.453   8.654   1.00 39.14  ? 21  DT  B N3    1 
ATOM   429 C  C4    . DT  B 1 9  ? 3.285   3.628   8.962   1.00 39.30  ? 21  DT  B C4    1 
ATOM   430 O  O4    . DT  B 1 9  ? 4.498   3.686   9.018   1.00 38.97  ? 21  DT  B O4    1 
ATOM   431 C  C5    . DT  B 1 9  ? 2.413   4.733   9.208   1.00 40.74  ? 21  DT  B C5    1 
ATOM   432 C  C7    . DT  B 1 9  ? 2.959   6.085   9.524   1.00 41.93  ? 21  DT  B C7    1 
ATOM   433 C  C6    . DT  B 1 9  ? 1.101   4.511   9.132   1.00 42.45  ? 21  DT  B C6    1 
ATOM   434 P  P     . DG  B 1 10 ? -3.861  5.078   11.752  1.00 47.19  ? 22  DG  B P     1 
ATOM   435 O  OP1   . DG  B 1 10 ? -5.248  5.211   12.008  1.00 46.03  ? 22  DG  B OP1   1 
ATOM   436 O  OP2   . DG  B 1 10 ? -2.864  6.122   12.028  1.00 43.59  ? 22  DG  B OP2   1 
ATOM   437 O  "O5'" . DG  B 1 10 ? -3.370  3.770   12.537  1.00 45.84  ? 22  DG  B "O5'" 1 
ATOM   438 C  "C5'" . DG  B 1 10 ? -3.928  2.480   12.352  1.00 43.86  ? 22  DG  B "C5'" 1 
ATOM   439 C  "C4'" . DG  B 1 10 ? -3.125  1.427   13.128  1.00 43.61  ? 22  DG  B "C4'" 1 
ATOM   440 O  "O4'" . DG  B 1 10 ? -1.834  1.176   12.530  1.00 39.40  ? 22  DG  B "O4'" 1 
ATOM   441 C  "C3'" . DG  B 1 10 ? -2.776  1.858   14.548  1.00 43.14  ? 22  DG  B "C3'" 1 
ATOM   442 O  "O3'" . DG  B 1 10 ? -2.960  0.756   15.351  1.00 48.11  ? 22  DG  B "O3'" 1 
ATOM   443 C  "C2'" . DG  B 1 10 ? -1.300  2.264   14.538  1.00 43.86  ? 22  DG  B "C2'" 1 
ATOM   444 C  "C1'" . DG  B 1 10 ? -0.830  1.180   13.583  1.00 40.93  ? 22  DG  B "C1'" 1 
ATOM   445 N  N9    . DG  B 1 10 ? 0.519   1.338   13.022  1.00 36.05  ? 22  DG  B N9    1 
ATOM   446 C  C8    . DG  B 1 10 ? 1.174   2.479   12.809  1.00 34.31  ? 22  DG  B C8    1 
ATOM   447 N  N7    . DG  B 1 10 ? 2.310   2.295   12.241  1.00 36.30  ? 22  DG  B N7    1 
ATOM   448 C  C5    . DG  B 1 10 ? 2.428   0.925   12.045  1.00 34.77  ? 22  DG  B C5    1 
ATOM   449 C  C6    . DG  B 1 10 ? 3.424   0.107   11.467  1.00 29.54  ? 22  DG  B C6    1 
ATOM   450 O  O6    . DG  B 1 10 ? 4.492   0.418   10.990  1.00 32.00  ? 22  DG  B O6    1 
ATOM   451 N  N1    . DG  B 1 10 ? 3.127   -1.228  11.462  1.00 27.20  ? 22  DG  B N1    1 
ATOM   452 C  C2    . DG  B 1 10 ? 1.997   -1.724  11.977  1.00 28.94  ? 22  DG  B C2    1 
ATOM   453 N  N2    . DG  B 1 10 ? 1.798   -3.038  11.945  1.00 28.50  ? 22  DG  B N2    1 
ATOM   454 N  N3    . DG  B 1 10 ? 1.070   -0.988  12.503  1.00 32.16  ? 22  DG  B N3    1 
ATOM   455 C  C4    . DG  B 1 10 ? 1.331   0.328   12.532  1.00 34.93  ? 22  DG  B C4    1 
ATOM   456 P  P     . DC  B 1 11 ? -3.935  0.765   16.625  1.00 52.32  ? 23  DC  B P     1 
ATOM   457 O  OP1   . DC  B 1 11 ? -5.318  0.998   16.142  1.00 51.24  ? 23  DC  B OP1   1 
ATOM   458 O  OP2   . DC  B 1 11 ? -3.208  1.618   17.622  1.00 51.17  ? 23  DC  B OP2   1 
ATOM   459 O  "O5'" . DC  B 1 11 ? -3.959  -0.768  17.119  1.00 49.97  ? 23  DC  B "O5'" 1 
ATOM   460 C  "C5'" . DC  B 1 11 ? -4.179  -1.808  16.123  1.00 48.41  ? 23  DC  B "C5'" 1 
ATOM   461 C  "C4'" . DC  B 1 11 ? -3.246  -3.028  16.324  1.00 46.37  ? 23  DC  B "C4'" 1 
ATOM   462 O  "O4'" . DC  B 1 11 ? -1.986  -2.872  15.621  1.00 44.92  ? 23  DC  B "O4'" 1 
ATOM   463 C  "C3'" . DC  B 1 11 ? -2.892  -3.330  17.785  1.00 45.90  ? 23  DC  B "C3'" 1 
ATOM   464 O  "O3'" . DC  B 1 11 ? -3.030  -4.713  18.031  1.00 48.46  ? 23  DC  B "O3'" 1 
ATOM   465 C  "C2'" . DC  B 1 11 ? -1.457  -2.880  17.941  1.00 44.16  ? 23  DC  B "C2'" 1 
ATOM   466 C  "C1'" . DC  B 1 11 ? -0.914  -3.114  16.550  1.00 39.76  ? 23  DC  B "C1'" 1 
ATOM   467 N  N1    . DC  B 1 11 ? 0.202   -2.210  16.284  1.00 37.40  ? 23  DC  B N1    1 
ATOM   468 C  C2    . DC  B 1 11 ? 1.350   -2.684  15.686  1.00 32.32  ? 23  DC  B C2    1 
ATOM   469 O  O2    . DC  B 1 11 ? 1.445   -3.831  15.364  1.00 36.03  ? 23  DC  B O2    1 
ATOM   470 N  N3    . DC  B 1 11 ? 2.347   -1.873  15.450  1.00 34.82  ? 23  DC  B N3    1 
ATOM   471 C  C4    . DC  B 1 11 ? 2.308   -0.592  15.801  1.00 33.63  ? 23  DC  B C4    1 
ATOM   472 N  N4    . DC  B 1 11 ? 3.350   0.138   15.520  1.00 32.91  ? 23  DC  B N4    1 
ATOM   473 C  C5    . DC  B 1 11 ? 1.175   -0.055  16.439  1.00 36.76  ? 23  DC  B C5    1 
ATOM   474 C  C6    . DC  B 1 11 ? 0.160   -0.905  16.654  1.00 35.55  ? 23  DC  B C6    1 
ATOM   475 P  P     . DG  B 1 12 ? -3.155  -5.335  19.535  1.00 51.06  ? 24  DG  B P     1 
ATOM   476 O  OP1   . DG  B 1 12 ? -4.374  -6.209  19.453  1.00 52.00  ? 24  DG  B OP1   1 
ATOM   477 O  OP2   . DG  B 1 12 ? -2.871  -4.341  20.572  1.00 46.89  ? 24  DG  B OP2   1 
ATOM   478 O  "O5'" . DG  B 1 12 ? -1.926  -6.340  19.722  1.00 46.35  ? 24  DG  B "O5'" 1 
ATOM   479 C  "C5'" . DG  B 1 12 ? -1.804  -7.489  18.821  1.00 43.99  ? 24  DG  B "C5'" 1 
ATOM   480 C  "C4'" . DG  B 1 12 ? -0.373  -7.944  18.696  1.00 34.74  ? 24  DG  B "C4'" 1 
ATOM   481 O  "O4'" . DG  B 1 12 ? 0.303   -6.944  17.958  1.00 33.09  ? 24  DG  B "O4'" 1 
ATOM   482 C  "C3'" . DG  B 1 12 ? 0.293   -7.963  20.035  1.00 35.97  ? 24  DG  B "C3'" 1 
ATOM   483 O  "O3'" . DG  B 1 12 ? -0.041  -9.177  20.712  1.00 38.00  ? 24  DG  B "O3'" 1 
ATOM   484 C  "C2'" . DG  B 1 12 ? 1.740   -7.831  19.636  1.00 35.07  ? 24  DG  B "C2'" 1 
ATOM   485 C  "C1'" . DG  B 1 12 ? 1.664   -6.901  18.454  1.00 32.06  ? 24  DG  B "C1'" 1 
ATOM   486 N  N9    . DG  B 1 12 ? 2.077   -5.524  18.663  1.00 28.58  ? 24  DG  B N9    1 
ATOM   487 C  C8    . DG  B 1 12 ? 1.361   -4.541  19.253  1.00 32.61  ? 24  DG  B C8    1 
ATOM   488 N  N7    . DG  B 1 12 ? 1.927   -3.367  19.278  1.00 31.91  ? 24  DG  B N7    1 
ATOM   489 C  C5    . DG  B 1 12 ? 3.142   -3.588  18.641  1.00 32.51  ? 24  DG  B C5    1 
ATOM   490 C  C6    . DG  B 1 12 ? 4.193   -2.701  18.336  1.00 32.09  ? 24  DG  B C6    1 
ATOM   491 O  O6    . DG  B 1 12 ? 4.215   -1.493  18.582  1.00 32.23  ? 24  DG  B O6    1 
ATOM   492 N  N1    . DG  B 1 12 ? 5.262   -3.313  17.685  1.00 29.04  ? 24  DG  B N1    1 
ATOM   493 C  C2    . DG  B 1 12 ? 5.263   -4.621  17.359  1.00 26.84  ? 24  DG  B C2    1 
ATOM   494 N  N2    . DG  B 1 12 ? 6.346   -5.061  16.804  1.00 24.44  ? 24  DG  B N2    1 
ATOM   495 N  N3    . DG  B 1 12 ? 4.262   -5.447  17.601  1.00 26.47  ? 24  DG  B N3    1 
ATOM   496 C  C4    . DG  B 1 12 ? 3.250   -4.906  18.253  1.00 28.24  ? 24  DG  B C4    1 
HETATM 497 NA NA    . NA  C 2 .  ? -8.683  4.792   -8.061  1.00 38.16  ? 101 NA  A NA    1 
HETATM 498 BA BA    . BA  D 3 .  ? 6.317   3.030   11.114  0.70 58.33  ? 101 BA  B BA    1 
HETATM 499 O  O     . HOH E 4 .  ? 0.471   3.276   -8.324  1.00 32.56  ? 201 HOH A O     1 
HETATM 500 O  O     . HOH E 4 .  ? -2.245  -5.500  1.384   1.00 36.16  ? 202 HOH A O     1 
HETATM 501 O  O     . HOH E 4 .  ? -6.964  4.120   -9.675  1.00 40.87  ? 203 HOH A O     1 
HETATM 502 O  O     . HOH E 4 .  ? 6.384   1.640   13.670  1.00 35.68  ? 204 HOH A O     1 
HETATM 503 O  O     . HOH E 4 .  ? -3.360  -0.804  8.055   1.00 35.28  ? 205 HOH A O     1 
HETATM 504 O  O     . HOH E 4 .  ? -3.289  -4.539  -1.442  1.00 35.72  ? 206 HOH A O     1 
HETATM 505 O  O     . HOH E 4 .  ? 3.708   -4.223  2.589   1.00 49.51  ? 207 HOH A O     1 
HETATM 506 O  O     . HOH E 4 .  ? -7.320  5.857   -3.481  1.00 47.54  ? 208 HOH A O     1 
HETATM 507 O  O     . HOH E 4 .  ? 5.270   4.456   -18.798 1.00 50.56  ? 209 HOH A O     1 
HETATM 508 O  O     . HOH E 4 .  ? -4.352  1.524   7.275   1.00 46.99  ? 210 HOH A O     1 
HETATM 509 O  O     . HOH E 4 .  ? -6.667  9.575   -3.079  1.00 50.25  ? 211 HOH A O     1 
HETATM 510 O  O     . HOH E 4 .  ? 3.722   -7.724  3.686   1.00 36.48  ? 212 HOH A O     1 
HETATM 511 O  O     . HOH E 4 .  ? 0.323   -12.070 4.737   1.00 50.04  ? 213 HOH A O     1 
HETATM 512 O  O     . HOH E 4 .  ? 2.253   2.135   -11.394 1.00 35.94  ? 214 HOH A O     1 
HETATM 513 O  O     . HOH E 4 .  ? 11.404  -3.480  9.208   1.00 43.84  ? 215 HOH A O     1 
HETATM 514 O  O     . HOH E 4 .  ? 9.533   2.556   14.078  1.00 42.52  ? 216 HOH A O     1 
HETATM 515 O  O     . HOH E 4 .  ? 8.506   0.534   12.552  1.00 49.06  ? 217 HOH A O     1 
HETATM 516 O  O     . HOH E 4 .  ? -5.301  6.224   -10.200 1.00 52.80  ? 218 HOH A O     1 
HETATM 517 O  O     . HOH E 4 .  ? -1.799  -8.501  3.841   1.00 64.95  ? 219 HOH A O     1 
HETATM 518 O  O     . HOH E 4 .  ? 13.619  -6.467  8.497   1.00 47.59  ? 220 HOH A O     1 
HETATM 519 O  O     . HOH E 4 .  ? 8.100   -0.108  6.923   1.00 65.95  ? 221 HOH A O     1 
HETATM 520 O  O     . HOH E 4 .  ? -9.083  -3.933  0.120   1.00 48.24  ? 222 HOH A O     1 
HETATM 521 O  O     . HOH E 4 .  ? 14.602  -9.340  9.813   1.00 54.03  ? 223 HOH A O     1 
HETATM 522 O  O     . HOH E 4 .  ? -1.422  9.368   -10.346 1.00 45.56  ? 224 HOH A O     1 
HETATM 523 O  O     . HOH E 4 .  ? -11.878 7.429   -8.226  1.00 52.61  ? 225 HOH A O     1 
HETATM 524 O  O     . HOH E 4 .  ? 6.168   9.738   -14.542 1.00 47.09  ? 226 HOH A O     1 
HETATM 525 O  O     . HOH E 4 .  ? 11.131  0.280   11.481  1.00 50.56  ? 227 HOH A O     1 
HETATM 526 O  O     . HOH E 4 .  ? 9.098   -0.651  9.394   1.00 55.72  ? 228 HOH A O     1 
HETATM 527 O  O     . HOH E 4 .  ? -9.038  6.783   -7.023  1.00 47.89  ? 229 HOH A O     1 
HETATM 528 O  O     . HOH E 4 .  ? -6.196  -1.435  -3.344  1.00 42.42  ? 230 HOH A O     1 
HETATM 529 O  O     . HOH E 4 .  ? -6.979  -4.529  2.393   1.00 41.91  ? 231 HOH A O     1 
HETATM 530 O  O     . HOH E 4 .  ? -5.368  -6.201  1.847   1.00 45.58  ? 232 HOH A O     1 
HETATM 531 O  O     . HOH E 4 .  ? 11.757  -10.633 11.367  1.00 44.26  ? 233 HOH A O     1 
HETATM 532 O  O     . HOH E 4 .  ? -4.239  14.152  1.646   1.00 46.86  ? 234 HOH A O     1 
HETATM 533 O  O     . HOH E 4 .  ? -9.125  4.045   6.684   1.00 38.44  ? 235 HOH A O     1 
HETATM 534 O  O     . HOH E 4 .  ? -8.892  -2.656  2.185   1.00 33.58  ? 236 HOH A O     1 
HETATM 535 O  O     . HOH E 4 .  ? 15.662  -4.862  14.079  1.00 37.38  ? 237 HOH A O     1 
HETATM 536 O  O     . HOH E 4 .  ? -1.595  6.084   -19.458 1.00 38.02  ? 238 HOH A O     1 
HETATM 537 O  O     . HOH E 4 .  ? -1.155  8.475   -18.066 1.00 40.09  ? 239 HOH A O     1 
HETATM 538 O  O     . HOH E 4 .  ? 1.035   10.223  -18.866 1.00 38.82  ? 240 HOH A O     1 
HETATM 539 O  O     . HOH E 4 .  ? 1.429   13.177  -19.366 1.00 38.30  ? 241 HOH A O     1 
HETATM 540 O  O     . HOH E 4 .  ? -7.558  -6.747  9.768   1.00 37.61  ? 242 HOH A O     1 
HETATM 541 O  O     . HOH E 4 .  ? 1.132   11.467  -12.014 1.00 40.59  ? 243 HOH A O     1 
HETATM 542 O  O     . HOH E 4 .  ? -3.086  10.639  -6.544  1.00 35.92  ? 244 HOH A O     1 
HETATM 543 O  O     . HOH E 4 .  ? 2.686   13.968  -6.139  1.00 37.62  ? 245 HOH A O     1 
HETATM 544 O  O     . HOH E 4 .  ? -1.527  14.963  -6.088  1.00 34.63  ? 246 HOH A O     1 
HETATM 545 O  O     . HOH E 4 .  ? -2.711  6.996   -14.016 1.00 34.17  ? 247 HOH A O     1 
HETATM 546 O  O     . HOH E 4 .  ? 3.657   10.434  -11.166 1.00 38.96  ? 248 HOH A O     1 
HETATM 547 O  O     . HOH E 4 .  ? 0.021   12.663  -4.320  1.00 35.40  ? 249 HOH A O     1 
HETATM 548 O  O     . HOH E 4 .  ? 0.024   14.789  -1.786  1.00 36.61  ? 250 HOH A O     1 
HETATM 549 O  O     . HOH E 4 .  ? -1.535  15.904  1.124   1.00 38.81  ? 251 HOH A O     1 
HETATM 550 O  O     . HOH E 4 .  ? -6.204  8.511   2.965   1.00 36.57  ? 252 HOH A O     1 
HETATM 551 O  O     . HOH E 4 .  ? -0.049  -5.250  0.317   1.00 38.72  ? 253 HOH A O     1 
HETATM 552 O  O     . HOH E 4 .  ? -2.854  5.227   3.557   1.00 30.46  ? 254 HOH A O     1 
HETATM 553 O  O     . HOH E 4 .  ? -3.007  2.685   4.962   1.00 31.21  ? 255 HOH A O     1 
HETATM 554 O  O     . HOH E 4 .  ? -1.096  -0.182  9.996   1.00 34.91  ? 256 HOH A O     1 
HETATM 555 O  O     . HOH F 4 .  ? 4.930   -4.320  5.929   1.00 36.36  ? 201 HOH B O     1 
HETATM 556 O  O     . HOH F 4 .  ? -3.546  -3.073  23.131  1.00 32.50  ? 202 HOH B O     1 
HETATM 557 O  O     . HOH F 4 .  ? -0.270  5.570   13.470  1.00 52.49  ? 203 HOH B O     1 
HETATM 558 O  O     . HOH F 4 .  ? 4.600   6.584   6.390   1.00 44.83  ? 204 HOH B O     1 
HETATM 559 O  O     . HOH F 4 .  ? 1.449   4.661   -3.081  1.00 28.55  ? 205 HOH B O     1 
HETATM 560 O  O     . HOH F 4 .  ? 0.420   6.416   -0.600  1.00 33.79  ? 206 HOH B O     1 
HETATM 561 O  O     . HOH F 4 .  ? -0.815  4.517   1.365   1.00 29.22  ? 207 HOH B O     1 
HETATM 562 O  O     . HOH F 4 .  ? 2.929   2.627   -7.000  1.00 35.53  ? 208 HOH B O     1 
HETATM 563 O  O     . HOH F 4 .  ? 7.392   -1.346  -2.860  1.00 40.22  ? 209 HOH B O     1 
HETATM 564 O  O     . HOH F 4 .  ? 1.277   -4.348  -1.914  1.00 42.76  ? 210 HOH B O     1 
HETATM 565 O  O     . HOH F 4 .  ? -0.914  -4.939  -3.910  1.00 39.77  ? 211 HOH B O     1 
HETATM 566 O  O     . HOH F 4 .  ? -6.344  4.508   -12.717 1.00 42.25  ? 212 HOH B O     1 
HETATM 567 O  O     . HOH F 4 .  ? 6.236   -0.855  3.639   1.00 39.17  ? 213 HOH B O     1 
HETATM 568 O  O     . HOH F 4 .  ? -8.052  2.683   -12.026 1.00 45.48  ? 214 HOH B O     1 
HETATM 569 O  O     . HOH F 4 .  ? 8.189   0.799   2.146   1.00 37.45  ? 215 HOH B O     1 
HETATM 570 O  O     . HOH F 4 .  ? -7.787  -8.724  -14.977 1.00 39.17  ? 216 HOH B O     1 
HETATM 571 O  O     . HOH F 4 .  ? -8.988  -11.887 -18.182 1.00 44.33  ? 217 HOH B O     1 
HETATM 572 O  O     . HOH F 4 .  ? -11.207 4.066   -5.681  1.00 49.44  ? 218 HOH B O     1 
HETATM 573 O  O     . HOH F 4 .  ? -9.927  -11.065 -15.268 1.00 45.41  ? 219 HOH B O     1 
HETATM 574 O  O     . HOH F 4 .  ? 7.650   -3.817  -4.215  1.00 40.57  ? 220 HOH B O     1 
HETATM 575 O  O     . HOH F 4 .  ? -8.732  -0.512  -8.682  1.00 41.36  ? 221 HOH B O     1 
HETATM 576 O  O     . HOH F 4 .  ? -2.242  -7.406  -5.916  1.00 50.86  ? 222 HOH B O     1 
HETATM 577 O  O     . HOH F 4 .  ? 0.364   -1.435  20.407  1.00 45.50  ? 223 HOH B O     1 
HETATM 578 O  O     . HOH F 4 .  ? 4.139   0.220   -10.527 1.00 41.23  ? 224 HOH B O     1 
HETATM 579 O  O     . HOH F 4 .  ? -6.820  -5.414  -8.390  1.00 42.16  ? 225 HOH B O     1 
HETATM 580 O  O     . HOH F 4 .  ? -0.207  -8.491  -5.813  1.00 49.52  ? 226 HOH B O     1 
HETATM 581 O  O     . HOH F 4 .  ? -5.207  -7.171  -7.653  1.00 43.96  ? 227 HOH B O     1 
HETATM 582 O  O     . HOH F 4 .  ? -6.035  -10.119 -11.480 1.00 55.24  ? 228 HOH B O     1 
HETATM 583 O  O     . HOH F 4 .  ? 6.544   2.327   8.439   1.00 38.85  ? 229 HOH B O     1 
HETATM 584 O  O     . HOH F 4 .  ? 3.211   5.007   -4.952  1.00 40.49  ? 230 HOH B O     1 
HETATM 585 O  O     . HOH F 4 .  ? 5.090   6.618   -5.446  1.00 44.11  ? 231 HOH B O     1 
HETATM 586 O  O     . HOH F 4 .  ? -4.387  -3.669  -6.443  1.00 42.49  ? 232 HOH B O     1 
HETATM 587 O  O     . HOH F 4 .  ? -8.422  -0.551  -5.959  1.00 49.30  ? 233 HOH B O     1 
HETATM 588 O  O     . HOH F 4 .  ? -9.735  1.722   -5.166  1.00 46.47  ? 234 HOH B O     1 
HETATM 589 O  O     . HOH F 4 .  ? -7.874  2.589   -6.626  1.00 51.47  ? 235 HOH B O     1 
HETATM 590 O  O     . HOH F 4 .  ? -14.909 -6.966  -18.649 1.00 47.57  ? 236 HOH B O     1 
HETATM 591 O  O     . HOH F 4 .  ? -13.805 -5.881  -16.643 1.00 48.26  ? 237 HOH B O     1 
HETATM 592 O  O     . HOH F 4 .  ? -8.732  -13.525 -16.152 1.00 460.00 ? 238 HOH B O     1 
HETATM 593 O  O     . HOH F 4 .  ? 5.997   -7.052  -3.710  1.00 54.04  ? 239 HOH B O     1 
HETATM 594 O  O     . HOH F 4 .  ? -5.049  -2.165  20.873  1.00 57.24  ? 240 HOH B O     1 
HETATM 595 O  O     . HOH F 4 .  ? -0.794  1.477   18.637  1.00 58.04  ? 241 HOH B O     1 
HETATM 596 O  O     . HOH F 4 .  ? 7.951   4.747   3.350   1.00 49.63  ? 242 HOH B O     1 
HETATM 597 O  O     . HOH F 4 .  ? -6.832  3.717   11.113  1.00 48.35  ? 243 HOH B O     1 
HETATM 598 O  O     . HOH F 4 .  ? -3.387  -0.267  20.133  1.00 45.01  ? 244 HOH B O     1 
HETATM 599 O  O     . HOH F 4 .  ? 7.373   4.810   12.916  1.00 44.50  ? 245 HOH B O     1 
HETATM 600 O  O     . HOH F 4 .  ? 4.654   3.790   12.641  1.00 45.75  ? 246 HOH B O     1 
HETATM 601 O  O     . HOH F 4 .  ? 3.016   3.590   15.054  1.00 50.85  ? 247 HOH B O     1 
HETATM 602 O  O     . HOH F 4 .  ? 9.351   3.861   10.969  1.00 41.41  ? 248 HOH B O     1 
HETATM 603 O  O     . HOH F 4 .  ? 8.021   9.295   1.280   1.00 41.67  ? 249 HOH B O     1 
HETATM 604 O  O     . HOH F 4 .  ? 6.440   11.319  1.484   1.00 43.26  ? 250 HOH B O     1 
HETATM 605 O  O     . HOH F 4 .  ? 8.278   3.698   8.867   1.00 36.79  ? 251 HOH B O     1 
HETATM 606 O  O     . HOH F 4 .  ? -10.925 -0.696  -12.192 1.00 38.18  ? 252 HOH B O     1 
HETATM 607 O  O     . HOH F 4 .  ? 10.561  -2.709  -3.442  1.00 38.46  ? 253 HOH B O     1 
HETATM 608 O  O     . HOH F 4 .  ? -9.127  5.562   -13.357 1.00 35.89  ? 254 HOH B O     1 
HETATM 609 O  O     . HOH F 4 .  ? -10.466 5.914   -15.595 1.00 36.17  ? 255 HOH B O     1 
HETATM 610 O  O     . HOH F 4 .  ? -14.819 6.434   -16.811 1.00 37.67  ? 256 HOH B O     1 
HETATM 611 O  O     . HOH F 4 .  ? -12.783 7.160   -11.586 1.00 36.33  ? 257 HOH B O     1 
HETATM 612 O  O     . HOH F 4 .  ? -12.885 6.017   -14.873 1.00 37.75  ? 258 HOH B O     1 
HETATM 613 O  O     . HOH F 4 .  ? -16.628 -5.377  -19.110 1.00 36.81  ? 259 HOH B O     1 
HETATM 614 O  O     . HOH F 4 .  ? -5.065  7.978   -16.247 1.00 37.72  ? 260 HOH B O     1 
HETATM 615 O  O     . HOH F 4 .  ? -1.488  -11.181 -5.427  1.00 38.32  ? 261 HOH B O     1 
HETATM 616 O  O     . HOH F 4 .  ? -3.066  9.972   11.123  1.00 36.22  ? 262 HOH B O     1 
HETATM 617 O  O     . HOH F 4 .  ? -4.556  9.203   8.589   1.00 38.12  ? 263 HOH B O     1 
HETATM 618 O  O     . HOH F 4 .  ? 2.184   10.836  1.158   1.00 38.12  ? 264 HOH B O     1 
HETATM 619 O  O     . HOH F 4 .  ? 11.496  -3.469  -6.374  1.00 38.77  ? 265 HOH B O     1 
HETATM 620 O  O     . HOH F 4 .  ? 5.873   -3.163  3.234   1.00 34.55  ? 266 HOH B O     1 
HETATM 621 O  O     . HOH F 4 .  ? 7.615   3.134   1.638   1.00 36.23  ? 267 HOH B O     1 
HETATM 622 O  O     . HOH F 4 .  ? 8.395   3.060   -0.522  1.00 38.01  ? 268 HOH B O     1 
HETATM 623 O  O     . HOH F 4 .  ? -1.441  -2.972  21.894  1.00 39.44  ? 269 HOH B O     1 
# 
